data_4JN6
#
_entry.id   4JN6
#
_cell.length_a   69.690
_cell.length_b   142.690
_cell.length_c   148.170
_cell.angle_alpha   90.00
_cell.angle_beta   95.08
_cell.angle_gamma   90.00
#
_symmetry.space_group_name_H-M   'C 1 2 1'
#
loop_
_entity.id
_entity.type
_entity.pdbx_description
1 polymer '4-hydroxy-2-oxovalerate aldolase'
2 polymer 'Acetaldehyde dehydrogenase'
3 non-polymer 'OXALATE ION'
4 non-polymer 'MANGANESE (II) ION'
5 non-polymer 'SODIUM ION'
6 water water
#
loop_
_entity_poly.entity_id
_entity_poly.type
_entity_poly.pdbx_seq_one_letter_code
_entity_poly.pdbx_strand_id
1 'polypeptide(L)'
;MTDMWDVRITDTSLRDGSHHKRHQFTKDEVGAIVAALDAAGVPVIEVTHGDGLGGSSFNYGFSKTPEQELIKLAAATAKE
ARIAFLMLPGVGTKDDIKEARDNGGSICRIATHCTEADVSIQHFGLARELGLETVGFLMMAHTIAPEKLAAQARIMADAG
CQCVYVVDSAGALVLDGVADRVSALVAELGEDAQVGFHGHENLGLGVANSVAAVRAGAKQIDGSCRRFGAGAGNAPVEAL
IGVFDKIGVKTGIDFFDIADAAEDVVRPAMPAECLLDRNALIMGYSGVYSSFLKHAVRQAERYGVPASALLHRAGQRKLI
GGQEDQLIDIALEIKRELDSGAAVTH
;
A,C
2 'polypeptide(L)'
;GSHMPSKAKVAIVGSGNISTDLLYKLLRSEWLEPRWMVGIDPESDGLARAAKLGLETTHEGVDWLLAQPDKPDLVFEATS
AYVHRDAAPKYAEAGIRAIDLTPAAVGPAVIPPANLREHLDAPNVNMITCGGQATIPIVYAVSRIVEVPYAEIVASVASV
SAGPGTRANIDEFTKTTARGVQTIGGAARGKAIIILNPADPPMIMRDTIFCAIPTDADREAIAASIHDVVKEVQTYVPGY
RLLNEPQFDEPSINSGGQALVTTFVEVEGAGDYLPPYAGNLDIMTAAATKVGEEIAKETLVVGGAR
;
B,D
#
loop_
_chem_comp.id
_chem_comp.type
_chem_comp.name
_chem_comp.formula
MN non-polymer 'MANGANESE (II) ION' 'Mn 2'
NA non-polymer 'SODIUM ION' 'Na 1'
OXL non-polymer 'OXALATE ION' 'C2 O4 -2'
#
# COMPACT_ATOMS: atom_id res chain seq x y z
N MET A 4 -4.60 -7.91 27.59
CA MET A 4 -5.49 -8.71 26.75
C MET A 4 -5.68 -8.10 25.36
N TRP A 5 -6.38 -8.84 24.51
CA TRP A 5 -6.59 -8.44 23.14
C TRP A 5 -7.70 -9.30 22.51
N ASP A 6 -8.20 -8.84 21.36
CA ASP A 6 -9.11 -9.66 20.58
C ASP A 6 -8.30 -10.43 19.55
N VAL A 7 -7.18 -9.84 19.16
CA VAL A 7 -6.32 -10.41 18.12
C VAL A 7 -4.86 -10.28 18.53
N ARG A 8 -4.13 -11.38 18.44
CA ARG A 8 -2.70 -11.35 18.74
C ARG A 8 -1.91 -11.07 17.46
N ILE A 9 -1.17 -9.98 17.47
CA ILE A 9 -0.36 -9.60 16.32
C ILE A 9 1.04 -10.20 16.43
N THR A 10 1.48 -10.86 15.35
CA THR A 10 2.86 -11.30 15.25
C THR A 10 3.57 -10.40 14.24
N ASP A 11 4.68 -9.81 14.66
CA ASP A 11 5.50 -9.05 13.73
C ASP A 11 6.55 -9.96 13.10
N THR A 12 6.64 -9.95 11.78
CA THR A 12 7.62 -10.81 11.12
C THR A 12 8.61 -9.98 10.29
N SER A 13 8.86 -8.75 10.75
CA SER A 13 9.94 -7.91 10.21
C SER A 13 11.27 -8.63 10.20
N LEU A 14 11.51 -9.44 11.23
CA LEU A 14 12.79 -10.10 11.39
C LEU A 14 12.77 -11.54 10.89
N ARG A 15 11.74 -11.91 10.16
CA ARG A 15 11.73 -13.24 9.56
C ARG A 15 11.35 -13.09 8.09
N ASP A 16 10.09 -12.74 7.84
CA ASP A 16 9.66 -12.45 6.48
C ASP A 16 10.49 -11.29 5.94
N GLY A 17 10.79 -10.32 6.81
CA GLY A 17 11.60 -9.19 6.38
C GLY A 17 13.02 -9.57 6.02
N SER A 18 13.49 -10.71 6.52
CA SER A 18 14.81 -11.23 6.15
C SER A 18 14.93 -11.41 4.63
N HIS A 19 13.81 -11.75 3.98
CA HIS A 19 13.75 -11.87 2.53
C HIS A 19 14.12 -10.53 1.89
N HIS A 20 13.46 -9.48 2.35
CA HIS A 20 13.72 -8.12 1.84
C HIS A 20 15.13 -7.65 2.25
N LYS A 21 15.56 -8.03 3.45
CA LYS A 21 16.91 -7.71 3.95
C LYS A 21 17.98 -8.60 3.30
N ARG A 22 17.55 -9.58 2.50
CA ARG A 22 18.46 -10.59 1.92
C ARG A 22 19.24 -11.33 3.00
N HIS A 23 18.60 -11.52 4.14
CA HIS A 23 19.17 -12.28 5.25
C HIS A 23 20.45 -11.67 5.80
N GLN A 24 20.57 -10.35 5.69
CA GLN A 24 21.78 -9.65 6.09
C GLN A 24 21.65 -8.98 7.45
N PHE A 25 20.68 -9.40 8.26
CA PHE A 25 20.50 -8.79 9.58
C PHE A 25 21.72 -8.98 10.46
N THR A 26 22.09 -7.92 11.19
CA THR A 26 23.15 -8.02 12.20
C THR A 26 22.53 -8.09 13.58
N LYS A 27 23.33 -8.45 14.57
CA LYS A 27 22.87 -8.45 15.95
C LYS A 27 22.37 -7.08 16.39
N ASP A 28 23.08 -6.01 16.04
CA ASP A 28 22.66 -4.66 16.39
C ASP A 28 21.24 -4.33 15.91
N GLU A 29 20.94 -4.70 14.67
CA GLU A 29 19.63 -4.41 14.09
C GLU A 29 18.52 -5.22 14.76
N VAL A 30 18.79 -6.50 14.99
CA VAL A 30 17.83 -7.35 15.68
C VAL A 30 17.57 -6.86 17.10
N GLY A 31 18.64 -6.53 17.82
CA GLY A 31 18.52 -5.97 19.16
C GLY A 31 17.67 -4.71 19.23
N ALA A 32 17.94 -3.77 18.32
CA ALA A 32 17.18 -2.52 18.30
C ALA A 32 15.71 -2.75 17.96
N ILE A 33 15.45 -3.54 16.92
CA ILE A 33 14.10 -3.76 16.46
C ILE A 33 13.29 -4.52 17.50
N VAL A 34 13.87 -5.59 18.05
CA VAL A 34 13.16 -6.36 19.05
C VAL A 34 12.79 -5.48 20.24
N ALA A 35 13.76 -4.72 20.74
CA ALA A 35 13.55 -3.78 21.84
C ALA A 35 12.39 -2.79 21.58
N ALA A 36 12.40 -2.14 20.41
CA ALA A 36 11.36 -1.17 20.08
C ALA A 36 9.97 -1.82 19.96
N LEU A 37 9.91 -2.98 19.32
CA LEU A 37 8.63 -3.66 19.13
C LEU A 37 8.08 -4.15 20.47
N ASP A 38 8.98 -4.66 21.31
CA ASP A 38 8.62 -5.13 22.64
C ASP A 38 8.01 -3.96 23.42
N ALA A 39 8.66 -2.80 23.34
CA ALA A 39 8.22 -1.62 24.10
C ALA A 39 6.88 -1.08 23.62
N ALA A 40 6.62 -1.17 22.32
CA ALA A 40 5.35 -0.73 21.75
C ALA A 40 4.21 -1.68 22.08
N GLY A 41 4.54 -2.84 22.65
CA GLY A 41 3.53 -3.78 23.11
C GLY A 41 3.24 -4.94 22.18
N VAL A 42 4.07 -5.12 21.15
CA VAL A 42 3.88 -6.23 20.23
C VAL A 42 4.13 -7.54 21.00
N PRO A 43 3.14 -8.44 20.96
CA PRO A 43 3.18 -9.64 21.81
C PRO A 43 4.01 -10.81 21.25
N VAL A 44 4.21 -10.85 19.93
CA VAL A 44 5.02 -11.91 19.34
C VAL A 44 5.90 -11.33 18.23
N ILE A 45 7.19 -11.67 18.29
CA ILE A 45 8.15 -11.20 17.31
C ILE A 45 8.86 -12.40 16.69
N GLU A 46 8.70 -12.58 15.38
CA GLU A 46 9.28 -13.73 14.71
C GLU A 46 10.69 -13.43 14.20
N VAL A 47 11.62 -14.32 14.51
CA VAL A 47 13.02 -14.14 14.15
C VAL A 47 13.54 -15.45 13.57
N THR A 48 13.89 -15.43 12.28
CA THR A 48 14.50 -16.59 11.62
C THR A 48 15.00 -16.15 10.26
N HIS A 49 15.75 -17.01 9.58
CA HIS A 49 15.97 -16.85 8.14
C HIS A 49 14.58 -16.75 7.49
N GLY A 50 14.46 -16.03 6.37
CA GLY A 50 13.18 -15.88 5.71
C GLY A 50 12.51 -17.20 5.32
N ASP A 51 13.33 -18.20 5.05
CA ASP A 51 12.81 -19.51 4.67
C ASP A 51 12.83 -20.44 5.88
N GLY A 52 12.92 -19.87 7.08
CA GLY A 52 12.82 -20.64 8.29
C GLY A 52 14.14 -21.23 8.74
N LEU A 53 14.10 -22.05 9.79
CA LEU A 53 15.31 -22.68 10.32
C LEU A 53 15.96 -23.53 9.24
N GLY A 54 17.26 -23.39 9.07
CA GLY A 54 17.95 -24.15 8.04
C GLY A 54 17.87 -23.49 6.67
N GLY A 55 17.21 -22.34 6.60
CA GLY A 55 17.03 -21.64 5.34
C GLY A 55 18.31 -21.12 4.70
N SER A 56 19.32 -20.82 5.50
CA SER A 56 20.58 -20.29 4.96
C SER A 56 21.23 -21.31 4.01
N SER A 57 21.39 -20.91 2.75
CA SER A 57 21.75 -21.86 1.70
C SER A 57 22.04 -21.10 0.39
N PHE A 58 22.56 -21.80 -0.60
CA PHE A 58 22.68 -21.23 -1.95
C PHE A 58 21.30 -20.93 -2.51
N ASN A 59 20.35 -21.84 -2.27
CA ASN A 59 19.02 -21.71 -2.86
C ASN A 59 18.24 -20.46 -2.44
N TYR A 60 18.30 -20.13 -1.15
CA TYR A 60 17.52 -19.03 -0.60
C TYR A 60 18.35 -17.84 -0.17
N GLY A 61 19.66 -18.01 -0.14
CA GLY A 61 20.57 -16.95 0.30
C GLY A 61 21.19 -17.25 1.65
N PHE A 62 22.51 -17.12 1.75
CA PHE A 62 23.20 -17.30 3.04
C PHE A 62 22.94 -16.16 4.01
N SER A 63 22.81 -16.49 5.30
CA SER A 63 22.67 -15.50 6.36
C SER A 63 24.00 -14.82 6.61
N LYS A 64 23.96 -13.52 6.91
CA LYS A 64 25.14 -12.82 7.38
C LYS A 64 25.45 -13.27 8.80
N THR A 65 24.40 -13.47 9.59
CA THR A 65 24.56 -13.86 10.99
C THR A 65 23.74 -15.12 11.17
N PRO A 66 24.30 -16.14 11.87
CA PRO A 66 23.55 -17.38 12.05
C PRO A 66 22.22 -17.11 12.76
N GLU A 67 21.14 -17.66 12.23
CA GLU A 67 19.78 -17.39 12.74
C GLU A 67 19.64 -17.71 14.23
N GLN A 68 20.34 -18.74 14.69
CA GLN A 68 20.26 -19.16 16.09
C GLN A 68 20.82 -18.09 17.02
N GLU A 69 21.84 -17.37 16.54
CA GLU A 69 22.37 -16.26 17.34
C GLU A 69 21.38 -15.12 17.38
N LEU A 70 20.61 -14.94 16.31
CA LEU A 70 19.61 -13.88 16.29
C LEU A 70 18.46 -14.20 17.25
N ILE A 71 18.00 -15.44 17.24
CA ILE A 71 16.94 -15.88 18.15
C ILE A 71 17.37 -15.68 19.60
N LYS A 72 18.60 -16.13 19.91
CA LYS A 72 19.16 -16.01 21.25
C LYS A 72 19.19 -14.55 21.71
N LEU A 73 19.67 -13.68 20.83
CA LEU A 73 19.72 -12.26 21.14
C LEU A 73 18.31 -11.68 21.32
N ALA A 74 17.39 -12.09 20.46
CA ALA A 74 16.03 -11.56 20.52
C ALA A 74 15.36 -11.98 21.83
N ALA A 75 15.60 -13.22 22.24
CA ALA A 75 15.02 -13.74 23.48
C ALA A 75 15.57 -13.05 24.73
N ALA A 76 16.87 -12.73 24.70
CA ALA A 76 17.51 -12.02 25.81
C ALA A 76 17.10 -10.55 25.85
N THR A 77 16.69 -10.00 24.72
CA THR A 77 16.28 -8.59 24.62
C THR A 77 14.83 -8.37 25.01
N ALA A 78 13.93 -9.19 24.46
CA ALA A 78 12.51 -9.03 24.72
C ALA A 78 12.16 -9.30 26.18
N LYS A 79 11.44 -8.39 26.80
CA LYS A 79 11.04 -8.55 28.20
C LYS A 79 9.57 -8.91 28.34
N GLU A 80 8.78 -8.57 27.33
CA GLU A 80 7.36 -8.93 27.34
C GLU A 80 6.99 -9.84 26.17
N ALA A 81 7.41 -9.47 24.97
CA ALA A 81 7.10 -10.23 23.77
C ALA A 81 7.72 -11.62 23.78
N ARG A 82 7.04 -12.58 23.16
CA ARG A 82 7.60 -13.90 22.98
C ARG A 82 8.29 -13.96 21.64
N ILE A 83 9.37 -14.75 21.54
CA ILE A 83 10.09 -14.87 20.28
C ILE A 83 9.57 -16.08 19.52
N ALA A 84 9.14 -15.85 18.29
CA ALA A 84 8.68 -16.95 17.45
C ALA A 84 9.74 -17.26 16.42
N PHE A 85 9.67 -18.43 15.81
CA PHE A 85 10.59 -18.78 14.74
C PHE A 85 9.87 -19.68 13.73
N LEU A 86 10.30 -19.61 12.48
CA LEU A 86 9.67 -20.40 11.41
C LEU A 86 10.50 -21.61 11.04
N MET A 87 9.84 -22.72 10.71
CA MET A 87 10.55 -23.88 10.17
C MET A 87 9.68 -24.57 9.12
N LEU A 88 10.32 -25.04 8.06
CA LEU A 88 9.65 -25.73 6.98
C LEU A 88 10.19 -27.15 6.91
N PRO A 89 9.34 -28.15 7.13
CA PRO A 89 9.74 -29.54 6.90
C PRO A 89 10.31 -29.68 5.50
N GLY A 90 11.43 -30.37 5.35
CA GLY A 90 12.09 -30.48 4.06
C GLY A 90 13.18 -29.44 3.89
N VAL A 91 13.28 -28.53 4.84
CA VAL A 91 14.33 -27.52 4.87
C VAL A 91 14.99 -27.56 6.24
N GLY A 92 14.23 -27.18 7.25
CA GLY A 92 14.68 -27.33 8.63
C GLY A 92 14.33 -28.70 9.16
N THR A 93 14.79 -29.01 10.36
CA THR A 93 14.56 -30.32 10.95
C THR A 93 14.10 -30.19 12.39
N LYS A 94 13.73 -31.30 12.99
CA LYS A 94 13.36 -31.32 14.39
C LYS A 94 14.53 -30.87 15.29
N ASP A 95 15.75 -31.19 14.88
CA ASP A 95 16.96 -30.75 15.59
C ASP A 95 17.07 -29.23 15.67
N ASP A 96 16.80 -28.56 14.54
CA ASP A 96 16.76 -27.09 14.50
C ASP A 96 15.73 -26.53 15.45
N ILE A 97 14.58 -27.19 15.50
CA ILE A 97 13.50 -26.78 16.41
C ILE A 97 13.96 -26.82 17.87
N LYS A 98 14.60 -27.92 18.26
CA LYS A 98 15.12 -28.05 19.62
C LYS A 98 16.16 -26.98 19.92
N GLU A 99 17.03 -26.73 18.96
CA GLU A 99 18.05 -25.69 19.12
C GLU A 99 17.42 -24.29 19.28
N ALA A 100 16.39 -23.99 18.50
CA ALA A 100 15.68 -22.71 18.61
C ALA A 100 15.03 -22.55 19.99
N ARG A 101 14.47 -23.65 20.50
CA ARG A 101 13.86 -23.60 21.82
C ARG A 101 14.92 -23.34 22.88
N ASP A 102 16.02 -24.11 22.82
CA ASP A 102 17.17 -23.92 23.71
C ASP A 102 17.69 -22.50 23.72
N ASN A 103 17.54 -21.82 22.59
CA ASN A 103 18.01 -20.44 22.45
C ASN A 103 16.99 -19.40 22.86
N GLY A 104 15.86 -19.85 23.40
CA GLY A 104 14.87 -18.94 23.96
C GLY A 104 13.64 -18.70 23.12
N GLY A 105 13.53 -19.40 21.99
CA GLY A 105 12.34 -19.30 21.15
C GLY A 105 11.17 -20.01 21.81
N SER A 106 10.01 -19.37 21.88
CA SER A 106 8.87 -19.95 22.59
C SER A 106 7.68 -20.32 21.70
N ILE A 107 7.70 -19.85 20.46
CA ILE A 107 6.60 -20.14 19.56
C ILE A 107 7.14 -20.71 18.27
N CYS A 108 6.78 -21.96 18.02
CA CYS A 108 7.25 -22.69 16.86
C CYS A 108 6.19 -22.65 15.79
N ARG A 109 6.54 -22.07 14.65
CA ARG A 109 5.60 -21.95 13.54
C ARG A 109 6.08 -22.84 12.41
N ILE A 110 5.26 -23.84 12.09
CA ILE A 110 5.65 -24.88 11.15
C ILE A 110 4.88 -24.71 9.85
N ALA A 111 5.61 -24.51 8.75
CA ALA A 111 4.98 -24.18 7.47
C ALA A 111 5.13 -25.29 6.44
N THR A 112 4.04 -25.67 5.80
CA THR A 112 4.10 -26.60 4.69
C THR A 112 3.33 -25.99 3.56
N HIS A 113 3.56 -26.46 2.34
CA HIS A 113 2.67 -26.07 1.25
C HIS A 113 1.28 -26.52 1.68
N CYS A 114 0.25 -25.76 1.31
CA CYS A 114 -1.09 -25.99 1.83
C CYS A 114 -1.69 -27.38 1.55
N THR A 115 -1.15 -28.11 0.58
CA THR A 115 -1.66 -29.45 0.31
C THR A 115 -0.82 -30.54 0.95
N GLU A 116 0.21 -30.12 1.69
CA GLU A 116 1.22 -31.06 2.18
C GLU A 116 1.33 -31.13 3.70
N ALA A 117 0.22 -30.95 4.41
CA ALA A 117 0.27 -30.82 5.87
C ALA A 117 0.81 -32.06 6.59
N ASP A 118 0.58 -33.24 6.01
CA ASP A 118 0.91 -34.48 6.70
C ASP A 118 2.40 -34.68 6.98
N VAL A 119 3.26 -33.90 6.32
CA VAL A 119 4.71 -34.04 6.53
C VAL A 119 5.16 -33.29 7.77
N SER A 120 4.24 -32.56 8.40
CA SER A 120 4.57 -31.76 9.57
C SER A 120 4.13 -32.41 10.86
N ILE A 121 3.48 -33.57 10.77
CA ILE A 121 2.86 -34.19 11.92
C ILE A 121 3.82 -34.40 13.11
N GLN A 122 4.97 -35.03 12.87
CA GLN A 122 5.92 -35.29 13.95
C GLN A 122 6.61 -34.02 14.46
N HIS A 123 6.62 -32.98 13.65
CA HIS A 123 7.20 -31.71 14.06
C HIS A 123 6.34 -31.00 15.11
N PHE A 124 5.03 -30.99 14.89
CA PHE A 124 4.10 -30.46 15.88
C PHE A 124 4.18 -31.27 17.16
N GLY A 125 4.34 -32.58 17.00
CA GLY A 125 4.42 -33.48 18.15
C GLY A 125 5.64 -33.19 19.00
N LEU A 126 6.78 -33.03 18.33
CA LEU A 126 8.02 -32.73 19.05
C LEU A 126 7.93 -31.36 19.70
N ALA A 127 7.43 -30.37 18.97
CA ALA A 127 7.34 -29.00 19.48
C ALA A 127 6.54 -28.96 20.79
N ARG A 128 5.39 -29.64 20.79
CA ARG A 128 4.55 -29.69 21.98
C ARG A 128 5.29 -30.40 23.10
N GLU A 129 5.97 -31.49 22.78
CA GLU A 129 6.80 -32.21 23.75
C GLU A 129 7.86 -31.31 24.37
N LEU A 130 8.38 -30.37 23.57
CA LEU A 130 9.40 -29.44 24.04
C LEU A 130 8.78 -28.26 24.79
N GLY A 131 7.45 -28.26 24.92
CA GLY A 131 6.74 -27.19 25.62
C GLY A 131 6.59 -25.92 24.80
N LEU A 132 6.73 -26.03 23.49
CA LEU A 132 6.56 -24.87 22.61
C LEU A 132 5.09 -24.68 22.25
N GLU A 133 4.66 -23.41 22.17
CA GLU A 133 3.38 -23.09 21.57
C GLU A 133 3.55 -23.30 20.07
N THR A 134 2.53 -23.83 19.43
CA THR A 134 2.64 -24.17 18.02
C THR A 134 1.71 -23.35 17.14
N VAL A 135 2.23 -23.04 15.95
CA VAL A 135 1.46 -22.36 14.94
C VAL A 135 1.72 -23.12 13.65
N GLY A 136 0.69 -23.24 12.81
CA GLY A 136 0.83 -23.92 11.53
C GLY A 136 0.56 -22.99 10.37
N PHE A 137 1.45 -23.00 9.39
CA PHE A 137 1.27 -22.20 8.19
C PHE A 137 0.93 -23.10 7.02
N LEU A 138 -0.23 -22.85 6.40
CA LEU A 138 -0.57 -23.50 5.13
C LEU A 138 -0.27 -22.50 4.03
N MET A 139 0.90 -22.63 3.41
CA MET A 139 1.39 -21.63 2.46
C MET A 139 0.70 -21.75 1.09
N MET A 140 0.73 -20.66 0.32
CA MET A 140 0.13 -20.65 -1.02
C MET A 140 -1.35 -21.02 -0.97
N ALA A 141 -2.07 -20.51 0.03
CA ALA A 141 -3.44 -20.95 0.33
C ALA A 141 -4.48 -20.59 -0.75
N HIS A 142 -4.11 -19.71 -1.67
CA HIS A 142 -5.02 -19.34 -2.75
C HIS A 142 -5.13 -20.45 -3.79
N THR A 143 -4.22 -21.43 -3.74
CA THR A 143 -4.17 -22.48 -4.77
C THR A 143 -5.25 -23.55 -4.64
N ILE A 144 -5.87 -23.68 -3.47
CA ILE A 144 -6.90 -24.70 -3.27
C ILE A 144 -8.18 -24.15 -2.65
N ALA A 145 -9.30 -24.85 -2.86
CA ALA A 145 -10.60 -24.42 -2.34
C ALA A 145 -10.60 -24.41 -0.81
N PRO A 146 -11.43 -23.54 -0.19
CA PRO A 146 -11.48 -23.43 1.28
C PRO A 146 -11.71 -24.78 1.99
N GLU A 147 -12.55 -25.65 1.41
CA GLU A 147 -12.82 -26.95 2.01
C GLU A 147 -11.58 -27.83 2.05
N LYS A 148 -10.81 -27.81 0.97
CA LYS A 148 -9.56 -28.57 0.90
C LYS A 148 -8.55 -28.02 1.90
N LEU A 149 -8.54 -26.70 2.03
CA LEU A 149 -7.65 -26.04 2.98
C LEU A 149 -8.01 -26.45 4.41
N ALA A 150 -9.31 -26.54 4.69
CA ALA A 150 -9.78 -26.89 6.02
C ALA A 150 -9.40 -28.32 6.40
N ALA A 151 -9.40 -29.22 5.42
CA ALA A 151 -8.99 -30.60 5.67
C ALA A 151 -7.55 -30.65 6.16
N GLN A 152 -6.70 -29.83 5.53
CA GLN A 152 -5.29 -29.79 5.86
C GLN A 152 -5.08 -29.17 7.23
N ALA A 153 -5.91 -28.17 7.56
CA ALA A 153 -5.84 -27.54 8.87
C ALA A 153 -6.15 -28.55 9.97
N ARG A 154 -7.07 -29.47 9.69
CA ARG A 154 -7.46 -30.50 10.64
C ARG A 154 -6.29 -31.47 10.93
N ILE A 155 -5.51 -31.79 9.91
CA ILE A 155 -4.34 -32.64 10.09
C ILE A 155 -3.38 -31.98 11.08
N MET A 156 -3.13 -30.69 10.88
CA MET A 156 -2.23 -29.94 11.76
C MET A 156 -2.72 -29.88 13.20
N ALA A 157 -3.98 -29.50 13.39
CA ALA A 157 -4.56 -29.43 14.72
C ALA A 157 -4.49 -30.77 15.45
N ASP A 158 -4.76 -31.84 14.71
CA ASP A 158 -4.73 -33.18 15.29
C ASP A 158 -3.31 -33.61 15.63
N ALA A 159 -2.32 -32.92 15.08
CA ALA A 159 -0.92 -33.27 15.33
C ALA A 159 -0.38 -32.50 16.52
N GLY A 160 -1.11 -31.47 16.93
CA GLY A 160 -0.72 -30.64 18.05
C GLY A 160 -0.68 -29.16 17.74
N CYS A 161 -1.08 -28.79 16.53
CA CYS A 161 -1.06 -27.38 16.16
C CYS A 161 -2.16 -26.61 16.90
N GLN A 162 -1.81 -25.47 17.49
CA GLN A 162 -2.73 -24.72 18.32
C GLN A 162 -3.37 -23.55 17.58
N CYS A 163 -2.77 -23.18 16.46
CA CYS A 163 -3.34 -22.15 15.60
C CYS A 163 -2.90 -22.33 14.17
N VAL A 164 -3.86 -22.46 13.26
CA VAL A 164 -3.54 -22.68 11.86
C VAL A 164 -3.79 -21.44 11.03
N TYR A 165 -2.76 -21.00 10.32
CA TYR A 165 -2.84 -19.78 9.51
C TYR A 165 -3.25 -20.07 8.08
N VAL A 166 -4.15 -19.24 7.58
CA VAL A 166 -4.34 -19.09 6.15
C VAL A 166 -3.20 -18.20 5.70
N VAL A 167 -2.37 -18.68 4.77
CA VAL A 167 -1.19 -17.95 4.37
C VAL A 167 -1.24 -17.54 2.92
N ASP A 168 -1.48 -16.25 2.66
CA ASP A 168 -1.49 -15.76 1.29
C ASP A 168 -0.07 -15.42 0.85
N SER A 169 0.74 -16.46 0.62
CA SER A 169 2.17 -16.29 0.36
C SER A 169 2.45 -15.46 -0.89
N ALA A 170 1.52 -15.51 -1.84
CA ALA A 170 1.70 -14.81 -3.11
C ALA A 170 1.06 -13.42 -3.12
N GLY A 171 0.40 -13.03 -2.04
CA GLY A 171 -0.42 -11.83 -2.04
C GLY A 171 -1.49 -11.86 -3.13
N ALA A 172 -2.11 -13.02 -3.29
CA ALA A 172 -3.03 -13.23 -4.42
C ALA A 172 -4.52 -13.29 -4.03
N LEU A 173 -4.81 -13.39 -2.75
CA LEU A 173 -6.20 -13.47 -2.31
C LEU A 173 -6.85 -12.09 -2.32
N VAL A 174 -8.16 -12.06 -2.58
CA VAL A 174 -8.93 -10.82 -2.51
C VAL A 174 -10.12 -10.95 -1.56
N LEU A 175 -9.97 -10.43 -0.35
CA LEU A 175 -11.08 -10.12 0.56
C LEU A 175 -11.99 -11.31 0.90
N ASP A 176 -13.02 -11.52 0.09
CA ASP A 176 -13.89 -12.68 0.24
C ASP A 176 -13.09 -14.00 0.17
N GLY A 177 -12.07 -14.02 -0.68
CA GLY A 177 -11.19 -15.18 -0.79
C GLY A 177 -10.51 -15.51 0.53
N VAL A 178 -10.16 -14.49 1.31
CA VAL A 178 -9.58 -14.67 2.63
C VAL A 178 -10.64 -15.12 3.64
N ALA A 179 -11.76 -14.37 3.66
CA ALA A 179 -12.88 -14.63 4.55
C ALA A 179 -13.43 -16.04 4.42
N ASP A 180 -13.59 -16.50 3.19
CA ASP A 180 -14.06 -17.87 2.96
C ASP A 180 -13.08 -18.90 3.52
N ARG A 181 -11.78 -18.67 3.31
CA ARG A 181 -10.77 -19.60 3.80
C ARG A 181 -10.69 -19.62 5.33
N VAL A 182 -10.71 -18.45 5.94
CA VAL A 182 -10.72 -18.37 7.40
C VAL A 182 -11.97 -18.99 8.02
N SER A 183 -13.13 -18.66 7.46
CA SER A 183 -14.40 -19.26 7.90
C SER A 183 -14.42 -20.77 7.82
N ALA A 184 -13.96 -21.31 6.69
CA ALA A 184 -13.89 -22.76 6.51
C ALA A 184 -13.02 -23.41 7.59
N LEU A 185 -11.90 -22.77 7.91
CA LEU A 185 -11.02 -23.27 8.97
C LEU A 185 -11.65 -23.15 10.36
N VAL A 186 -12.24 -22.01 10.67
CA VAL A 186 -12.91 -21.83 11.96
C VAL A 186 -14.00 -22.88 12.17
N ALA A 187 -14.82 -23.11 11.14
CA ALA A 187 -15.89 -24.10 11.22
C ALA A 187 -15.36 -25.53 11.41
N GLU A 188 -14.34 -25.89 10.63
CA GLU A 188 -13.76 -27.22 10.71
C GLU A 188 -12.97 -27.43 11.99
N LEU A 189 -12.33 -26.37 12.48
CA LEU A 189 -11.47 -26.50 13.66
C LEU A 189 -12.23 -26.38 14.97
N GLY A 190 -13.21 -25.49 15.01
CA GLY A 190 -13.98 -25.26 16.23
C GLY A 190 -13.10 -24.88 17.39
N GLU A 191 -13.20 -25.63 18.49
CA GLU A 191 -12.43 -25.33 19.70
C GLU A 191 -11.00 -25.88 19.65
N ASP A 192 -10.73 -26.74 18.67
CA ASP A 192 -9.47 -27.47 18.61
C ASP A 192 -8.25 -26.57 18.37
N ALA A 193 -8.44 -25.49 17.62
CA ALA A 193 -7.34 -24.59 17.35
C ALA A 193 -7.83 -23.23 16.89
N GLN A 194 -7.02 -22.20 17.12
CA GLN A 194 -7.31 -20.87 16.60
C GLN A 194 -7.01 -20.86 15.11
N VAL A 195 -7.36 -19.75 14.47
CA VAL A 195 -7.11 -19.56 13.05
C VAL A 195 -6.40 -18.22 12.85
N GLY A 196 -5.41 -18.21 11.98
CA GLY A 196 -4.64 -17.01 11.74
C GLY A 196 -4.65 -16.62 10.28
N PHE A 197 -4.13 -15.43 10.01
CA PHE A 197 -3.93 -14.98 8.66
C PHE A 197 -2.61 -14.24 8.50
N HIS A 198 -1.97 -14.52 7.39
CA HIS A 198 -0.69 -13.94 7.05
C HIS A 198 -0.79 -13.57 5.58
N GLY A 199 -0.78 -12.28 5.31
CA GLY A 199 -1.04 -11.82 3.96
C GLY A 199 0.07 -10.97 3.40
N HIS A 200 0.29 -11.07 2.09
CA HIS A 200 1.26 -10.21 1.45
C HIS A 200 0.59 -9.08 0.70
N GLU A 201 1.37 -8.08 0.32
CA GLU A 201 0.83 -6.81 -0.15
C GLU A 201 0.86 -6.65 -1.66
N ASN A 202 0.99 -7.78 -2.36
CA ASN A 202 1.25 -7.77 -3.80
C ASN A 202 0.11 -7.24 -4.65
N LEU A 203 -1.08 -7.11 -4.06
CA LEU A 203 -2.20 -6.46 -4.77
C LEU A 203 -2.76 -5.28 -3.98
N GLY A 204 -2.03 -4.86 -2.96
CA GLY A 204 -2.43 -3.70 -2.17
C GLY A 204 -3.55 -3.98 -1.19
N LEU A 205 -3.68 -5.23 -0.77
CA LEU A 205 -4.81 -5.66 0.06
C LEU A 205 -4.41 -6.24 1.40
N GLY A 206 -3.15 -6.07 1.79
CA GLY A 206 -2.65 -6.62 3.04
C GLY A 206 -3.48 -6.30 4.27
N VAL A 207 -3.76 -5.02 4.48
CA VAL A 207 -4.49 -4.60 5.67
C VAL A 207 -5.95 -5.05 5.60
N ALA A 208 -6.58 -4.82 4.45
CA ALA A 208 -7.98 -5.21 4.25
C ALA A 208 -8.21 -6.73 4.36
N ASN A 209 -7.30 -7.51 3.77
CA ASN A 209 -7.37 -8.97 3.89
C ASN A 209 -7.26 -9.39 5.36
N SER A 210 -6.44 -8.67 6.11
CA SER A 210 -6.31 -8.96 7.53
C SER A 210 -7.61 -8.64 8.28
N VAL A 211 -8.26 -7.54 7.89
CA VAL A 211 -9.56 -7.18 8.48
C VAL A 211 -10.62 -8.23 8.14
N ALA A 212 -10.62 -8.68 6.89
CA ALA A 212 -11.57 -9.71 6.47
C ALA A 212 -11.35 -10.98 7.27
N ALA A 213 -10.08 -11.30 7.55
CA ALA A 213 -9.74 -12.48 8.33
C ALA A 213 -10.30 -12.40 9.74
N VAL A 214 -10.10 -11.24 10.38
CA VAL A 214 -10.56 -11.04 11.75
C VAL A 214 -12.09 -11.11 11.82
N ARG A 215 -12.76 -10.46 10.87
CA ARG A 215 -14.22 -10.51 10.81
C ARG A 215 -14.72 -11.94 10.59
N ALA A 216 -13.91 -12.78 9.96
CA ALA A 216 -14.27 -14.17 9.72
C ALA A 216 -13.90 -15.07 10.89
N GLY A 217 -13.22 -14.52 11.90
CA GLY A 217 -12.92 -15.29 13.09
C GLY A 217 -11.46 -15.49 13.44
N ALA A 218 -10.56 -14.93 12.64
CA ALA A 218 -9.13 -15.07 12.90
C ALA A 218 -8.74 -14.39 14.22
N LYS A 219 -7.98 -15.09 15.05
CA LYS A 219 -7.55 -14.54 16.33
C LYS A 219 -6.07 -14.18 16.35
N GLN A 220 -5.35 -14.58 15.30
CA GLN A 220 -3.94 -14.20 15.13
C GLN A 220 -3.72 -13.59 13.75
N ILE A 221 -2.98 -12.50 13.70
CA ILE A 221 -2.70 -11.81 12.43
C ILE A 221 -1.21 -11.51 12.34
N ASP A 222 -0.60 -11.79 11.20
CA ASP A 222 0.79 -11.41 10.96
C ASP A 222 0.86 -10.11 10.18
N GLY A 223 1.85 -9.30 10.50
CA GLY A 223 2.24 -8.18 9.67
C GLY A 223 3.69 -7.87 9.98
N SER A 224 4.25 -6.89 9.28
CA SER A 224 5.60 -6.41 9.58
C SER A 224 5.58 -4.89 9.66
N CYS A 225 6.33 -4.33 10.60
CA CYS A 225 6.46 -2.89 10.66
C CYS A 225 7.02 -2.43 9.33
N ARG A 226 6.45 -1.37 8.79
CA ARG A 226 6.95 -0.76 7.57
C ARG A 226 6.84 -1.71 6.36
N ARG A 227 5.99 -2.74 6.51
CA ARG A 227 5.80 -3.81 5.50
C ARG A 227 6.98 -4.78 5.34
N PHE A 228 8.05 -4.55 6.11
CA PHE A 228 9.30 -5.32 6.03
C PHE A 228 9.09 -6.82 5.79
N GLY A 229 9.08 -7.22 4.52
CA GLY A 229 8.70 -8.57 4.16
C GLY A 229 8.95 -8.88 2.70
N ALA A 230 8.71 -10.14 2.33
CA ALA A 230 8.90 -10.58 0.96
C ALA A 230 7.93 -9.88 0.02
N GLY A 231 8.32 -9.75 -1.24
CA GLY A 231 7.47 -9.15 -2.24
C GLY A 231 7.24 -7.68 -1.99
N ALA A 232 5.99 -7.25 -2.14
CA ALA A 232 5.61 -5.88 -1.86
C ALA A 232 5.51 -5.69 -0.35
N GLY A 233 5.71 -6.76 0.39
CA GLY A 233 5.78 -6.71 1.84
C GLY A 233 4.66 -7.47 2.52
N ASN A 234 4.71 -7.49 3.85
CA ASN A 234 3.62 -7.99 4.66
C ASN A 234 2.70 -6.82 4.97
N ALA A 235 1.49 -7.08 5.46
CA ALA A 235 0.61 -6.03 5.94
C ALA A 235 1.38 -5.19 6.95
N PRO A 236 1.36 -3.86 6.79
CA PRO A 236 2.12 -3.01 7.71
C PRO A 236 1.48 -3.00 9.10
N VAL A 237 2.24 -3.41 10.11
CA VAL A 237 1.73 -3.49 11.47
C VAL A 237 1.17 -2.14 11.96
N GLU A 238 1.85 -1.06 11.63
CA GLU A 238 1.42 0.24 12.13
C GLU A 238 0.06 0.64 11.53
N ALA A 239 -0.19 0.24 10.28
CA ALA A 239 -1.49 0.49 9.67
C ALA A 239 -2.54 -0.47 10.22
N LEU A 240 -2.16 -1.73 10.45
CA LEU A 240 -3.06 -2.67 11.11
C LEU A 240 -3.61 -2.11 12.42
N ILE A 241 -2.73 -1.59 13.25
CA ILE A 241 -3.11 -1.09 14.56
C ILE A 241 -4.03 0.13 14.47
N GLY A 242 -3.70 1.05 13.56
CA GLY A 242 -4.55 2.21 13.36
C GLY A 242 -5.94 1.80 12.91
N VAL A 243 -6.00 0.88 11.95
CA VAL A 243 -7.27 0.39 11.45
C VAL A 243 -8.04 -0.39 12.51
N PHE A 244 -7.36 -1.32 13.18
CA PHE A 244 -7.98 -2.10 14.26
C PHE A 244 -8.49 -1.19 15.38
N ASP A 245 -7.75 -0.14 15.68
CA ASP A 245 -8.23 0.90 16.60
C ASP A 245 -9.58 1.47 16.17
N LYS A 246 -9.73 1.76 14.87
CA LYS A 246 -10.97 2.40 14.39
C LYS A 246 -12.16 1.46 14.48
N ILE A 247 -11.94 0.18 14.20
CA ILE A 247 -13.04 -0.77 14.12
C ILE A 247 -13.27 -1.57 15.42
N GLY A 248 -12.59 -1.16 16.49
CA GLY A 248 -12.82 -1.76 17.79
C GLY A 248 -12.19 -3.12 18.03
N VAL A 249 -11.05 -3.37 17.40
CA VAL A 249 -10.31 -4.60 17.65
C VAL A 249 -9.10 -4.30 18.52
N LYS A 250 -9.08 -4.91 19.70
CA LYS A 250 -8.02 -4.66 20.68
C LYS A 250 -6.78 -5.48 20.36
N THR A 251 -5.62 -4.84 20.37
CA THR A 251 -4.36 -5.53 20.10
C THR A 251 -3.37 -5.34 21.26
N GLY A 252 -3.56 -4.28 22.03
CA GLY A 252 -2.68 -3.98 23.13
C GLY A 252 -1.45 -3.22 22.65
N ILE A 253 -1.45 -2.83 21.39
CA ILE A 253 -0.32 -2.12 20.82
C ILE A 253 -0.67 -0.66 20.62
N ASP A 254 0.18 0.23 21.10
CA ASP A 254 -0.07 1.66 20.95
C ASP A 254 0.24 2.11 19.52
N PHE A 255 -0.73 2.75 18.88
CA PHE A 255 -0.60 3.17 17.49
C PHE A 255 0.55 4.14 17.29
N PHE A 256 0.63 5.16 18.15
CA PHE A 256 1.70 6.14 18.07
C PHE A 256 3.07 5.56 18.36
N ASP A 257 3.15 4.68 19.35
CA ASP A 257 4.40 4.00 19.67
C ASP A 257 4.87 3.11 18.53
N ILE A 258 3.97 2.30 17.96
CA ILE A 258 4.38 1.40 16.89
C ILE A 258 4.71 2.19 15.62
N ALA A 259 4.07 3.35 15.45
CA ALA A 259 4.36 4.23 14.33
C ALA A 259 5.78 4.81 14.43
N ASP A 260 6.17 5.17 15.64
CA ASP A 260 7.52 5.66 15.89
C ASP A 260 8.56 4.56 15.64
N ALA A 261 8.26 3.35 16.10
CA ALA A 261 9.19 2.25 15.93
C ALA A 261 9.42 1.93 14.45
N ALA A 262 8.33 1.90 13.68
CA ALA A 262 8.41 1.59 12.26
C ALA A 262 9.26 2.62 11.57
N GLU A 263 9.02 3.89 11.91
CA GLU A 263 9.67 5.02 11.28
C GLU A 263 11.12 5.20 11.75
N ASP A 264 11.34 5.16 13.06
CA ASP A 264 12.66 5.51 13.63
C ASP A 264 13.63 4.34 13.83
N VAL A 265 13.11 3.13 13.92
CA VAL A 265 13.96 1.99 14.24
C VAL A 265 13.95 0.92 13.14
N VAL A 266 12.77 0.53 12.69
CA VAL A 266 12.67 -0.51 11.69
C VAL A 266 13.13 0.00 10.32
N ARG A 267 12.60 1.14 9.89
CA ARG A 267 12.95 1.69 8.57
C ARG A 267 14.45 1.85 8.29
N PRO A 268 15.23 2.43 9.23
CA PRO A 268 16.68 2.54 8.97
C PRO A 268 17.36 1.19 8.71
N ALA A 269 16.75 0.09 9.16
CA ALA A 269 17.33 -1.23 8.98
C ALA A 269 16.92 -1.87 7.66
N MET A 270 16.09 -1.18 6.90
CA MET A 270 15.64 -1.72 5.60
C MET A 270 16.55 -1.19 4.50
N PRO A 271 16.86 -2.05 3.52
CA PRO A 271 17.66 -1.57 2.40
C PRO A 271 16.91 -0.51 1.60
N ALA A 272 15.58 -0.63 1.55
CA ALA A 272 14.70 0.35 0.91
C ALA A 272 13.27 0.05 1.36
N GLU A 273 12.32 0.87 0.95
CA GLU A 273 10.91 0.57 1.20
C GLU A 273 10.56 -0.72 0.46
N CYS A 274 9.61 -1.48 0.98
CA CYS A 274 8.98 -2.52 0.18
C CYS A 274 8.10 -1.85 -0.85
N LEU A 275 8.20 -2.28 -2.10
CA LEU A 275 7.55 -1.58 -3.20
C LEU A 275 6.45 -2.40 -3.82
N LEU A 276 5.35 -1.72 -4.16
CA LEU A 276 4.33 -2.31 -5.02
C LEU A 276 4.72 -1.97 -6.46
N ASP A 277 5.77 -2.64 -6.94
CA ASP A 277 6.30 -2.38 -8.29
C ASP A 277 5.77 -3.43 -9.27
N ARG A 278 6.14 -3.31 -10.54
CA ARG A 278 5.67 -4.27 -11.56
C ARG A 278 5.89 -5.73 -11.16
N ASN A 279 7.07 -6.04 -10.63
CA ASN A 279 7.40 -7.43 -10.30
C ASN A 279 6.49 -7.98 -9.20
N ALA A 280 6.31 -7.21 -8.14
CA ALA A 280 5.43 -7.63 -7.06
C ALA A 280 3.97 -7.78 -7.53
N LEU A 281 3.51 -6.86 -8.38
CA LEU A 281 2.14 -6.91 -8.90
C LEU A 281 1.93 -8.16 -9.74
N ILE A 282 2.91 -8.46 -10.58
CA ILE A 282 2.88 -9.67 -11.37
C ILE A 282 2.80 -10.89 -10.45
N MET A 283 3.55 -10.85 -9.36
CA MET A 283 3.52 -11.98 -8.43
C MET A 283 2.13 -12.16 -7.86
N GLY A 284 1.52 -11.06 -7.44
CA GLY A 284 0.18 -11.11 -6.85
C GLY A 284 -0.88 -11.55 -7.84
N TYR A 285 -0.79 -11.06 -9.07
CA TYR A 285 -1.74 -11.35 -10.13
C TYR A 285 -1.57 -12.79 -10.60
N SER A 286 -0.33 -13.29 -10.58
CA SER A 286 0.00 -14.62 -11.11
C SER A 286 0.08 -15.72 -10.06
N GLY A 287 0.00 -15.37 -8.77
CA GLY A 287 0.07 -16.37 -7.72
C GLY A 287 1.48 -16.88 -7.46
N VAL A 288 2.47 -15.98 -7.48
CA VAL A 288 3.87 -16.37 -7.29
C VAL A 288 4.34 -16.11 -5.87
N TYR A 289 4.93 -17.15 -5.27
CA TYR A 289 5.44 -17.10 -3.91
C TYR A 289 6.33 -15.86 -3.71
N SER A 290 5.97 -15.02 -2.74
CA SER A 290 6.59 -13.71 -2.58
C SER A 290 8.11 -13.69 -2.45
N SER A 291 8.67 -14.68 -1.77
CA SER A 291 10.13 -14.68 -1.55
C SER A 291 10.93 -14.85 -2.85
N PHE A 292 10.26 -15.24 -3.93
CA PHE A 292 10.92 -15.37 -5.23
C PHE A 292 11.41 -14.01 -5.75
N LEU A 293 10.85 -12.92 -5.24
CA LEU A 293 11.09 -11.58 -5.80
C LEU A 293 12.57 -11.21 -6.03
N LYS A 294 13.34 -11.10 -4.96
CA LYS A 294 14.72 -10.67 -5.14
C LYS A 294 15.60 -11.73 -5.83
N HIS A 295 15.27 -13.00 -5.67
CA HIS A 295 15.98 -14.06 -6.40
C HIS A 295 15.76 -13.96 -7.91
N ALA A 296 14.54 -13.63 -8.32
CA ALA A 296 14.22 -13.45 -9.73
C ALA A 296 14.98 -12.25 -10.32
N VAL A 297 15.06 -11.18 -9.54
CA VAL A 297 15.78 -9.98 -9.95
C VAL A 297 17.26 -10.28 -10.11
N ARG A 298 17.80 -11.06 -9.18
CA ARG A 298 19.20 -11.50 -9.27
C ARG A 298 19.41 -12.35 -10.54
N GLN A 299 18.51 -13.31 -10.79
CA GLN A 299 18.66 -14.13 -11.98
C GLN A 299 18.44 -13.34 -13.27
N ALA A 300 17.55 -12.35 -13.20
CA ALA A 300 17.27 -11.50 -14.35
C ALA A 300 18.52 -10.74 -14.77
N GLU A 301 19.29 -10.29 -13.78
CA GLU A 301 20.51 -9.54 -14.00
C GLU A 301 21.64 -10.45 -14.44
N ARG A 302 21.75 -11.60 -13.78
CA ARG A 302 22.76 -12.59 -14.14
C ARG A 302 22.61 -13.07 -15.59
N TYR A 303 21.38 -13.21 -16.08
CA TYR A 303 21.14 -13.77 -17.41
C TYR A 303 20.62 -12.81 -18.47
N GLY A 304 20.48 -11.53 -18.09
CA GLY A 304 20.05 -10.49 -19.02
C GLY A 304 18.68 -10.75 -19.59
N VAL A 305 17.72 -11.07 -18.73
CA VAL A 305 16.34 -11.30 -19.11
C VAL A 305 15.45 -10.47 -18.19
N PRO A 306 14.24 -10.10 -18.65
CA PRO A 306 13.41 -9.27 -17.77
C PRO A 306 12.85 -10.07 -16.57
N ALA A 307 12.97 -9.51 -15.38
CA ALA A 307 12.48 -10.16 -14.17
C ALA A 307 10.97 -10.41 -14.22
N SER A 308 10.25 -9.49 -14.84
CA SER A 308 8.80 -9.58 -14.92
C SER A 308 8.35 -10.82 -15.68
N ALA A 309 8.99 -11.08 -16.82
CA ALA A 309 8.74 -12.30 -17.59
C ALA A 309 9.14 -13.54 -16.80
N LEU A 310 10.25 -13.46 -16.08
CA LEU A 310 10.74 -14.55 -15.25
C LEU A 310 9.68 -14.92 -14.21
N LEU A 311 9.18 -13.91 -13.52
CA LEU A 311 8.16 -14.13 -12.49
C LEU A 311 6.82 -14.56 -13.07
N HIS A 312 6.47 -14.05 -14.24
CA HIS A 312 5.23 -14.49 -14.88
C HIS A 312 5.30 -15.99 -15.16
N ARG A 313 6.44 -16.45 -15.68
CA ARG A 313 6.62 -17.88 -15.97
C ARG A 313 6.71 -18.77 -14.73
N ALA A 314 7.19 -18.21 -13.63
CA ALA A 314 7.18 -18.95 -12.37
C ALA A 314 5.74 -19.34 -11.99
N GLY A 315 4.81 -18.45 -12.27
CA GLY A 315 3.40 -18.70 -11.99
C GLY A 315 2.82 -19.74 -12.91
N GLN A 316 3.20 -19.68 -14.18
CA GLN A 316 2.75 -20.65 -15.18
C GLN A 316 3.30 -22.05 -14.88
N ARG A 317 4.51 -22.11 -14.36
CA ARG A 317 5.08 -23.42 -14.06
C ARG A 317 4.51 -23.95 -12.75
N LYS A 318 3.66 -23.15 -12.10
CA LYS A 318 3.07 -23.55 -10.81
C LYS A 318 4.13 -23.91 -9.76
N LEU A 319 5.21 -23.13 -9.73
CA LEU A 319 6.22 -23.23 -8.68
C LEU A 319 5.61 -22.87 -7.33
N ILE A 320 6.14 -23.44 -6.26
CA ILE A 320 5.66 -23.14 -4.91
C ILE A 320 6.84 -22.76 -4.02
N GLY A 321 6.56 -22.49 -2.74
CA GLY A 321 7.60 -22.04 -1.81
C GLY A 321 8.75 -23.02 -1.80
N GLY A 322 9.97 -22.49 -1.86
CA GLY A 322 11.16 -23.33 -1.83
C GLY A 322 11.77 -23.61 -3.18
N GLN A 323 11.09 -23.24 -4.27
CA GLN A 323 11.53 -23.61 -5.61
C GLN A 323 12.26 -22.49 -6.34
N GLU A 324 12.90 -21.60 -5.59
CA GLU A 324 13.76 -20.57 -6.16
C GLU A 324 14.78 -21.06 -7.21
N ASP A 325 15.33 -22.27 -7.03
CA ASP A 325 16.30 -22.80 -7.98
C ASP A 325 15.74 -22.85 -9.40
N GLN A 326 14.44 -23.10 -9.50
CA GLN A 326 13.77 -23.19 -10.78
C GLN A 326 13.74 -21.87 -11.53
N LEU A 327 13.93 -20.75 -10.80
CA LEU A 327 14.05 -19.43 -11.43
C LEU A 327 15.23 -19.36 -12.40
N ILE A 328 16.34 -20.00 -12.02
CA ILE A 328 17.50 -20.09 -12.90
C ILE A 328 17.16 -20.84 -14.18
N ASP A 329 16.44 -21.94 -14.05
CA ASP A 329 16.01 -22.70 -15.22
C ASP A 329 15.09 -21.88 -16.12
N ILE A 330 14.22 -21.09 -15.52
CA ILE A 330 13.30 -20.25 -16.30
C ILE A 330 14.09 -19.16 -17.01
N ALA A 331 15.04 -18.58 -16.29
CA ALA A 331 15.92 -17.54 -16.85
C ALA A 331 16.69 -18.05 -18.06
N LEU A 332 17.17 -19.28 -18.00
CA LEU A 332 17.89 -19.87 -19.14
C LEU A 332 16.94 -20.11 -20.30
N GLU A 333 15.73 -20.57 -20.00
CA GLU A 333 14.70 -20.77 -21.01
C GLU A 333 14.35 -19.46 -21.74
N ILE A 334 14.11 -18.40 -20.99
CA ILE A 334 13.84 -17.10 -21.57
C ILE A 334 15.04 -16.63 -22.39
N LYS A 335 16.23 -16.83 -21.83
CA LYS A 335 17.47 -16.41 -22.50
C LYS A 335 17.67 -17.09 -23.86
N ARG A 336 17.25 -18.35 -23.99
CA ARG A 336 17.41 -19.08 -25.24
C ARG A 336 16.47 -18.55 -26.31
N GLU A 337 15.24 -18.28 -25.90
CA GLU A 337 14.25 -17.69 -26.79
C GLU A 337 14.72 -16.32 -27.28
N LEU A 338 15.24 -15.51 -26.36
CA LEU A 338 15.77 -14.21 -26.72
C LEU A 338 16.98 -14.35 -27.64
N ASP A 339 17.86 -15.28 -27.30
CA ASP A 339 19.10 -15.50 -28.07
C ASP A 339 18.85 -16.00 -29.48
N SER A 340 17.60 -16.34 -29.79
CA SER A 340 17.23 -16.79 -31.13
C SER A 340 16.05 -16.01 -31.68
N GLY A 341 15.95 -14.74 -31.30
CA GLY A 341 14.89 -13.87 -31.78
C GLY A 341 13.49 -14.37 -31.45
N SER B 6 25.84 -67.56 -17.41
CA SER B 6 24.45 -67.70 -16.99
C SER B 6 24.01 -66.44 -16.27
N LYS B 7 22.85 -66.51 -15.62
CA LYS B 7 22.32 -65.37 -14.85
C LYS B 7 22.16 -65.73 -13.38
N ALA B 8 22.42 -64.76 -12.52
CA ALA B 8 22.25 -64.96 -11.08
C ALA B 8 20.78 -64.91 -10.72
N LYS B 9 20.32 -65.89 -9.94
CA LYS B 9 18.93 -65.92 -9.51
C LYS B 9 18.73 -64.98 -8.34
N VAL B 10 17.89 -63.96 -8.55
CA VAL B 10 17.67 -62.95 -7.53
C VAL B 10 16.27 -63.02 -6.94
N ALA B 11 16.16 -62.62 -5.68
CA ALA B 11 14.87 -62.56 -5.00
C ALA B 11 14.51 -61.13 -4.63
N ILE B 12 13.25 -60.76 -4.82
CA ILE B 12 12.74 -59.48 -4.37
C ILE B 12 11.94 -59.69 -3.10
N VAL B 13 12.29 -58.98 -2.03
CA VAL B 13 11.54 -59.09 -0.78
C VAL B 13 10.69 -57.84 -0.56
N GLY B 14 9.39 -58.05 -0.39
CA GLY B 14 8.44 -56.96 -0.39
C GLY B 14 7.67 -57.03 -1.69
N SER B 15 6.44 -56.53 -1.71
CA SER B 15 5.61 -56.62 -2.91
C SER B 15 4.98 -55.27 -3.27
N GLY B 16 5.48 -54.20 -2.65
CA GLY B 16 4.93 -52.87 -2.87
C GLY B 16 5.34 -52.25 -4.20
N ASN B 17 5.21 -50.94 -4.29
CA ASN B 17 5.48 -50.20 -5.53
C ASN B 17 6.91 -50.35 -6.01
N ILE B 18 7.86 -50.11 -5.11
CA ILE B 18 9.28 -50.21 -5.43
C ILE B 18 9.64 -51.62 -5.88
N SER B 19 9.15 -52.60 -5.15
CA SER B 19 9.40 -54.00 -5.47
C SER B 19 8.88 -54.37 -6.86
N THR B 20 7.61 -54.04 -7.12
CA THR B 20 7.00 -54.41 -8.38
C THR B 20 7.66 -53.70 -9.55
N ASP B 21 8.11 -52.47 -9.32
CA ASP B 21 8.81 -51.74 -10.37
C ASP B 21 10.22 -52.30 -10.60
N LEU B 22 10.88 -52.69 -9.51
CA LEU B 22 12.20 -53.30 -9.60
C LEU B 22 12.10 -54.59 -10.43
N LEU B 23 10.99 -55.28 -10.26
CA LEU B 23 10.70 -56.51 -10.99
C LEU B 23 10.97 -56.37 -12.49
N TYR B 24 10.48 -55.30 -13.09
CA TYR B 24 10.60 -55.11 -14.53
C TYR B 24 12.04 -54.84 -14.96
N LYS B 25 12.77 -54.09 -14.14
CA LYS B 25 14.17 -53.81 -14.43
C LYS B 25 15.03 -55.08 -14.31
N LEU B 26 14.69 -55.94 -13.36
CA LEU B 26 15.37 -57.22 -13.23
C LEU B 26 15.08 -58.15 -14.41
N LEU B 27 13.84 -58.09 -14.90
CA LEU B 27 13.43 -58.89 -16.05
C LEU B 27 14.27 -58.57 -17.29
N ARG B 28 14.53 -57.29 -17.51
CA ARG B 28 15.34 -56.85 -18.64
C ARG B 28 16.85 -56.99 -18.39
N SER B 29 17.22 -57.48 -17.21
CA SER B 29 18.65 -57.60 -16.87
C SER B 29 19.33 -58.74 -17.61
N GLU B 30 20.55 -58.48 -18.07
CA GLU B 30 21.35 -59.48 -18.77
C GLU B 30 22.15 -60.33 -17.81
N TRP B 31 22.23 -59.89 -16.55
CA TRP B 31 23.07 -60.56 -15.57
C TRP B 31 22.25 -61.12 -14.41
N LEU B 32 21.00 -60.69 -14.33
CA LEU B 32 20.14 -61.05 -13.22
C LEU B 32 18.83 -61.64 -13.73
N GLU B 33 18.31 -62.60 -12.98
CA GLU B 33 17.03 -63.23 -13.32
C GLU B 33 16.17 -63.29 -12.06
N PRO B 34 15.06 -62.54 -12.05
CA PRO B 34 14.21 -62.55 -10.86
C PRO B 34 13.40 -63.85 -10.79
N ARG B 35 13.37 -64.47 -9.61
CA ARG B 35 12.76 -65.78 -9.45
C ARG B 35 11.77 -65.85 -8.30
N TRP B 36 12.02 -65.05 -7.27
CA TRP B 36 11.12 -65.02 -6.13
C TRP B 36 10.66 -63.61 -5.82
N MET B 37 9.37 -63.44 -5.60
CA MET B 37 8.90 -62.28 -4.87
C MET B 37 8.33 -62.77 -3.54
N VAL B 38 8.83 -62.22 -2.46
CA VAL B 38 8.43 -62.65 -1.12
C VAL B 38 7.55 -61.59 -0.46
N GLY B 39 6.36 -62.00 -0.04
CA GLY B 39 5.41 -61.07 0.52
C GLY B 39 4.77 -61.57 1.81
N ILE B 40 3.80 -60.81 2.30
CA ILE B 40 3.08 -61.17 3.52
C ILE B 40 1.57 -61.14 3.27
N ASP B 41 1.14 -60.21 2.41
CA ASP B 41 -0.27 -60.08 2.06
C ASP B 41 -0.61 -60.96 0.86
N PRO B 42 -1.38 -62.03 1.07
CA PRO B 42 -1.75 -63.01 0.03
C PRO B 42 -2.48 -62.41 -1.16
N GLU B 43 -2.98 -61.19 -1.03
CA GLU B 43 -3.74 -60.56 -2.10
C GLU B 43 -3.01 -59.37 -2.73
N SER B 44 -1.74 -59.20 -2.34
CA SER B 44 -0.94 -58.08 -2.84
C SER B 44 -0.97 -57.98 -4.36
N ASP B 45 -1.09 -56.75 -4.87
CA ASP B 45 -1.12 -56.52 -6.30
C ASP B 45 0.26 -56.77 -6.89
N GLY B 46 1.28 -56.67 -6.06
CA GLY B 46 2.64 -56.91 -6.50
C GLY B 46 2.93 -58.39 -6.67
N LEU B 47 2.46 -59.20 -5.73
CA LEU B 47 2.64 -60.66 -5.80
C LEU B 47 1.92 -61.25 -7.01
N ALA B 48 0.68 -60.79 -7.24
CA ALA B 48 -0.10 -61.26 -8.38
C ALA B 48 0.65 -60.96 -9.68
N ARG B 49 1.17 -59.74 -9.78
CA ARG B 49 1.93 -59.32 -10.95
C ARG B 49 3.18 -60.19 -11.13
N ALA B 50 3.87 -60.46 -10.02
CA ALA B 50 5.08 -61.30 -10.04
C ALA B 50 4.78 -62.71 -10.55
N ALA B 51 3.84 -63.38 -9.90
CA ALA B 51 3.46 -64.74 -10.27
C ALA B 51 2.98 -64.83 -11.72
N LYS B 52 2.32 -63.77 -12.19
CA LYS B 52 1.85 -63.68 -13.56
C LYS B 52 3.03 -63.63 -14.53
N LEU B 53 4.15 -63.09 -14.06
CA LEU B 53 5.33 -62.96 -14.89
C LEU B 53 6.26 -64.17 -14.79
N GLY B 54 5.82 -65.19 -14.07
CA GLY B 54 6.54 -66.45 -14.02
C GLY B 54 7.43 -66.62 -12.79
N LEU B 55 7.34 -65.70 -11.85
CA LEU B 55 8.11 -65.80 -10.62
C LEU B 55 7.39 -66.69 -9.61
N GLU B 56 8.15 -67.37 -8.76
CA GLU B 56 7.56 -68.01 -7.59
C GLU B 56 7.22 -66.91 -6.60
N THR B 57 6.07 -67.02 -5.94
CA THR B 57 5.67 -66.03 -4.96
C THR B 57 5.19 -66.70 -3.68
N THR B 58 5.24 -65.96 -2.58
CA THR B 58 4.82 -66.48 -1.29
C THR B 58 4.22 -65.34 -0.45
N HIS B 59 3.43 -65.71 0.55
CA HIS B 59 2.91 -64.72 1.49
C HIS B 59 3.34 -65.03 2.93
N GLU B 60 4.11 -66.10 3.09
CA GLU B 60 4.54 -66.53 4.41
C GLU B 60 5.57 -65.58 5.00
N GLY B 61 6.26 -64.84 4.14
CA GLY B 61 7.28 -63.91 4.59
C GLY B 61 8.68 -64.41 4.30
N VAL B 62 9.68 -63.70 4.83
CA VAL B 62 11.08 -63.98 4.53
C VAL B 62 11.51 -65.38 5.02
N ASP B 63 10.92 -65.83 6.12
CA ASP B 63 11.24 -67.14 6.70
C ASP B 63 11.04 -68.27 5.70
N TRP B 64 10.01 -68.12 4.87
CA TRP B 64 9.72 -69.08 3.82
C TRP B 64 10.88 -69.13 2.84
N LEU B 65 11.35 -67.96 2.43
CA LEU B 65 12.42 -67.85 1.44
C LEU B 65 13.72 -68.50 1.90
N LEU B 66 14.01 -68.40 3.20
CA LEU B 66 15.21 -69.00 3.76
C LEU B 66 15.19 -70.53 3.72
N ALA B 67 14.02 -71.10 3.42
CA ALA B 67 13.83 -72.55 3.53
C ALA B 67 13.77 -73.27 2.18
N GLN B 68 14.04 -72.56 1.09
CA GLN B 68 14.07 -73.21 -0.23
C GLN B 68 15.43 -73.79 -0.57
N PRO B 69 15.42 -75.06 -1.00
CA PRO B 69 16.61 -75.84 -1.41
C PRO B 69 17.47 -75.02 -2.36
N ASP B 70 16.83 -74.25 -3.21
CA ASP B 70 17.50 -73.41 -4.18
C ASP B 70 17.77 -72.03 -3.57
N LYS B 71 19.05 -71.72 -3.37
CA LYS B 71 19.44 -70.47 -2.73
C LYS B 71 19.51 -69.30 -3.72
N PRO B 72 18.87 -68.17 -3.38
CA PRO B 72 19.02 -66.96 -4.19
C PRO B 72 20.48 -66.49 -4.16
N ASP B 73 21.01 -66.06 -5.29
CA ASP B 73 22.37 -65.53 -5.34
C ASP B 73 22.43 -64.12 -4.76
N LEU B 74 21.27 -63.48 -4.74
CA LEU B 74 21.19 -62.06 -4.44
C LEU B 74 19.76 -61.72 -4.06
N VAL B 75 19.60 -60.92 -3.01
CA VAL B 75 18.27 -60.54 -2.59
C VAL B 75 18.10 -59.02 -2.51
N PHE B 76 17.04 -58.51 -3.13
CA PHE B 76 16.70 -57.10 -3.04
C PHE B 76 15.56 -56.96 -2.05
N GLU B 77 15.70 -56.04 -1.10
CA GLU B 77 14.62 -55.82 -0.15
C GLU B 77 14.11 -54.38 -0.17
N ALA B 78 12.84 -54.24 -0.52
CA ALA B 78 12.16 -52.95 -0.47
C ALA B 78 10.97 -53.05 0.47
N THR B 79 11.24 -53.27 1.75
CA THR B 79 10.19 -53.34 2.75
C THR B 79 10.20 -52.09 3.62
N SER B 80 10.85 -52.19 4.77
CA SER B 80 11.00 -51.05 5.66
C SER B 80 12.27 -51.23 6.49
N ALA B 81 12.68 -50.17 7.19
CA ALA B 81 13.91 -50.22 7.98
C ALA B 81 13.81 -51.29 9.07
N TYR B 82 12.66 -51.31 9.76
CA TYR B 82 12.35 -52.32 10.76
C TYR B 82 12.54 -53.73 10.18
N VAL B 83 11.81 -54.03 9.11
CA VAL B 83 11.81 -55.37 8.54
C VAL B 83 13.20 -55.81 8.08
N HIS B 84 13.91 -54.93 7.38
CA HIS B 84 15.22 -55.31 6.83
C HIS B 84 16.25 -55.59 7.91
N ARG B 85 16.21 -54.81 9.00
CA ARG B 85 17.16 -55.00 10.10
C ARG B 85 17.03 -56.38 10.72
N ASP B 86 15.80 -56.85 10.87
CA ASP B 86 15.54 -58.18 11.39
C ASP B 86 15.99 -59.26 10.41
N ALA B 87 15.80 -59.00 9.12
CA ALA B 87 16.11 -59.96 8.09
C ALA B 87 17.59 -59.99 7.72
N ALA B 88 18.24 -58.84 7.85
CA ALA B 88 19.63 -58.68 7.46
C ALA B 88 20.62 -59.76 7.94
N PRO B 89 20.59 -60.11 9.24
CA PRO B 89 21.55 -61.13 9.68
C PRO B 89 21.25 -62.51 9.09
N LYS B 90 19.98 -62.82 8.86
CA LYS B 90 19.59 -64.11 8.30
C LYS B 90 20.20 -64.29 6.92
N TYR B 91 20.10 -63.24 6.09
CA TYR B 91 20.70 -63.25 4.76
C TYR B 91 22.19 -63.55 4.88
N ALA B 92 22.85 -62.84 5.78
CA ALA B 92 24.28 -63.03 6.03
C ALA B 92 24.60 -64.45 6.42
N GLU B 93 23.80 -65.01 7.33
CA GLU B 93 24.01 -66.39 7.80
C GLU B 93 23.78 -67.41 6.70
N ALA B 94 22.82 -67.12 5.82
CA ALA B 94 22.51 -68.01 4.70
C ALA B 94 23.48 -67.81 3.54
N GLY B 95 24.36 -66.81 3.67
CA GLY B 95 25.33 -66.52 2.64
C GLY B 95 24.69 -65.91 1.39
N ILE B 96 23.68 -65.07 1.60
CA ILE B 96 23.00 -64.40 0.49
C ILE B 96 23.25 -62.89 0.52
N ARG B 97 23.96 -62.41 -0.49
CA ARG B 97 24.23 -60.98 -0.62
C ARG B 97 22.95 -60.18 -0.78
N ALA B 98 22.85 -59.08 -0.03
CA ALA B 98 21.60 -58.32 0.04
C ALA B 98 21.75 -56.88 -0.42
N ILE B 99 20.83 -56.44 -1.29
CA ILE B 99 20.77 -55.04 -1.67
C ILE B 99 19.56 -54.40 -1.03
N ASP B 100 19.82 -53.38 -0.24
CA ASP B 100 18.83 -52.77 0.62
C ASP B 100 18.32 -51.44 0.05
N LEU B 101 17.03 -51.41 -0.28
CA LEU B 101 16.39 -50.18 -0.75
C LEU B 101 15.58 -49.50 0.36
N THR B 102 15.76 -49.95 1.60
CA THR B 102 15.07 -49.37 2.75
C THR B 102 15.98 -48.38 3.47
N PRO B 103 15.44 -47.64 4.46
CA PRO B 103 16.36 -46.77 5.22
C PRO B 103 17.19 -47.50 6.29
N ALA B 104 17.23 -48.82 6.28
CA ALA B 104 17.93 -49.59 7.31
C ALA B 104 19.42 -49.24 7.42
N ALA B 105 20.11 -49.28 6.28
CA ALA B 105 21.53 -48.90 6.21
C ALA B 105 22.44 -49.72 7.12
N VAL B 106 22.17 -51.01 7.23
CA VAL B 106 23.03 -51.90 8.00
C VAL B 106 24.35 -52.14 7.28
N GLY B 107 24.38 -51.87 5.98
CA GLY B 107 25.60 -51.94 5.19
C GLY B 107 25.86 -50.61 4.52
N PRO B 108 27.05 -50.45 3.92
CA PRO B 108 27.44 -49.16 3.36
C PRO B 108 26.55 -48.67 2.21
N ALA B 109 26.38 -47.36 2.14
CA ALA B 109 25.60 -46.75 1.08
C ALA B 109 26.42 -46.70 -0.20
N VAL B 110 25.78 -47.04 -1.31
CA VAL B 110 26.47 -47.08 -2.59
C VAL B 110 25.81 -46.21 -3.67
N ILE B 111 26.63 -45.39 -4.31
CA ILE B 111 26.21 -44.64 -5.50
C ILE B 111 27.09 -45.12 -6.64
N PRO B 112 26.49 -45.73 -7.66
CA PRO B 112 27.24 -46.48 -8.68
C PRO B 112 28.42 -45.74 -9.34
N PRO B 113 28.25 -44.48 -9.80
CA PRO B 113 29.40 -43.84 -10.43
C PRO B 113 30.49 -43.41 -9.44
N ALA B 114 30.19 -43.47 -8.15
CA ALA B 114 31.10 -42.91 -7.14
C ALA B 114 31.86 -43.97 -6.38
N ASN B 115 31.15 -44.79 -5.61
CA ASN B 115 31.82 -45.67 -4.66
C ASN B 115 31.42 -47.15 -4.75
N LEU B 116 30.75 -47.54 -5.83
CA LEU B 116 30.30 -48.92 -5.98
C LEU B 116 31.48 -49.88 -5.99
N ARG B 117 32.52 -49.53 -6.75
CA ARG B 117 33.73 -50.34 -6.88
C ARG B 117 34.37 -50.69 -5.54
N GLU B 118 34.12 -49.87 -4.52
CA GLU B 118 34.69 -50.09 -3.20
C GLU B 118 33.97 -51.18 -2.44
N HIS B 119 32.73 -51.44 -2.81
CA HIS B 119 31.85 -52.26 -1.97
C HIS B 119 31.28 -53.50 -2.67
N LEU B 120 31.83 -53.86 -3.82
CA LEU B 120 31.35 -55.02 -4.57
C LEU B 120 31.43 -56.32 -3.76
N ASP B 121 32.35 -56.36 -2.81
CA ASP B 121 32.57 -57.54 -1.98
C ASP B 121 31.67 -57.57 -0.74
N ALA B 122 30.91 -56.50 -0.51
CA ALA B 122 30.10 -56.38 0.69
C ALA B 122 28.95 -57.38 0.73
N PRO B 123 28.66 -57.91 1.93
CA PRO B 123 27.50 -58.80 2.11
C PRO B 123 26.17 -58.05 2.06
N ASN B 124 26.23 -56.74 2.23
CA ASN B 124 25.03 -55.93 2.33
C ASN B 124 25.29 -54.48 1.92
N VAL B 125 24.66 -54.05 0.83
CA VAL B 125 24.77 -52.66 0.41
C VAL B 125 23.44 -51.92 0.48
N ASN B 126 23.52 -50.63 0.79
CA ASN B 126 22.35 -49.78 0.95
C ASN B 126 22.27 -48.76 -0.19
N MET B 127 21.05 -48.47 -0.63
CA MET B 127 20.84 -47.62 -1.80
C MET B 127 20.59 -46.15 -1.44
N ILE B 128 20.85 -45.78 -0.19
CA ILE B 128 20.61 -44.42 0.33
C ILE B 128 19.23 -43.84 -0.03
N THR B 129 19.16 -42.73 -0.75
CA THR B 129 17.87 -42.14 -1.11
C THR B 129 17.81 -41.78 -2.60
N CYS B 130 16.59 -41.61 -3.12
CA CYS B 130 16.40 -41.13 -4.49
C CYS B 130 17.12 -39.82 -4.79
N GLY B 131 17.03 -38.87 -3.87
CA GLY B 131 17.72 -37.61 -4.03
C GLY B 131 19.22 -37.86 -4.10
N GLY B 132 19.68 -38.77 -3.25
CA GLY B 132 21.07 -39.19 -3.24
C GLY B 132 21.51 -39.80 -4.56
N GLN B 133 20.77 -40.80 -5.04
CA GLN B 133 21.10 -41.42 -6.32
C GLN B 133 21.10 -40.40 -7.44
N ALA B 134 20.24 -39.40 -7.35
CA ALA B 134 20.07 -38.41 -8.40
C ALA B 134 21.15 -37.32 -8.41
N THR B 135 21.63 -36.95 -7.25
CA THR B 135 22.45 -35.74 -7.11
C THR B 135 23.91 -35.99 -6.73
N ILE B 136 24.13 -36.97 -5.86
CA ILE B 136 25.49 -37.33 -5.43
C ILE B 136 26.47 -37.63 -6.58
N PRO B 137 26.01 -38.28 -7.68
CA PRO B 137 26.91 -38.40 -8.83
C PRO B 137 27.44 -37.06 -9.35
N ILE B 138 26.61 -36.02 -9.28
CA ILE B 138 27.02 -34.70 -9.72
C ILE B 138 28.05 -34.11 -8.77
N VAL B 139 27.79 -34.24 -7.47
CA VAL B 139 28.71 -33.74 -6.45
C VAL B 139 30.04 -34.46 -6.59
N TYR B 140 30.00 -35.77 -6.78
CA TYR B 140 31.22 -36.54 -7.00
C TYR B 140 31.98 -36.02 -8.22
N ALA B 141 31.25 -35.79 -9.31
CA ALA B 141 31.86 -35.31 -10.55
C ALA B 141 32.63 -34.00 -10.34
N VAL B 142 32.13 -33.16 -9.44
CA VAL B 142 32.83 -31.92 -9.12
C VAL B 142 33.98 -32.14 -8.15
N SER B 143 33.73 -32.92 -7.09
CA SER B 143 34.76 -33.13 -6.06
C SER B 143 35.95 -33.96 -6.56
N ARG B 144 35.77 -34.75 -7.61
CA ARG B 144 36.90 -35.49 -8.15
C ARG B 144 37.79 -34.59 -9.00
N ILE B 145 37.34 -33.35 -9.23
CA ILE B 145 38.13 -32.39 -9.99
C ILE B 145 38.73 -31.31 -9.09
N VAL B 146 37.89 -30.75 -8.21
CA VAL B 146 38.34 -29.70 -7.29
C VAL B 146 37.82 -29.95 -5.89
N GLU B 147 38.40 -29.25 -4.92
CA GLU B 147 37.93 -29.27 -3.55
C GLU B 147 36.54 -28.60 -3.47
N VAL B 148 35.62 -29.26 -2.78
CA VAL B 148 34.25 -28.78 -2.63
C VAL B 148 33.95 -28.68 -1.13
N PRO B 149 34.09 -27.48 -0.56
CA PRO B 149 33.89 -27.35 0.89
C PRO B 149 32.42 -27.51 1.27
N TYR B 150 31.53 -27.30 0.30
CA TYR B 150 30.10 -27.31 0.58
C TYR B 150 29.27 -27.66 -0.66
N ALA B 151 28.33 -28.59 -0.48
CA ALA B 151 27.43 -28.96 -1.57
C ALA B 151 25.99 -29.01 -1.09
N GLU B 152 25.08 -28.55 -1.96
CA GLU B 152 23.70 -28.37 -1.59
C GLU B 152 22.78 -28.95 -2.68
N ILE B 153 21.87 -29.83 -2.29
CA ILE B 153 20.97 -30.40 -3.29
C ILE B 153 19.51 -30.07 -3.00
N VAL B 154 18.75 -29.78 -4.05
CA VAL B 154 17.34 -29.46 -3.90
C VAL B 154 16.59 -30.44 -4.79
N ALA B 155 15.79 -31.30 -4.15
CA ALA B 155 14.98 -32.27 -4.85
C ALA B 155 13.52 -31.79 -4.90
N SER B 156 12.96 -31.75 -6.11
CA SER B 156 11.57 -31.37 -6.33
C SER B 156 10.82 -32.61 -6.83
N VAL B 157 9.81 -33.04 -6.09
CA VAL B 157 9.11 -34.29 -6.34
C VAL B 157 7.60 -34.07 -6.39
N ALA B 158 6.92 -34.74 -7.33
CA ALA B 158 5.47 -34.70 -7.39
C ALA B 158 4.90 -35.18 -6.05
N SER B 159 3.93 -34.45 -5.51
CA SER B 159 3.31 -34.86 -4.26
C SER B 159 2.77 -36.30 -4.28
N VAL B 160 2.18 -36.71 -5.40
CA VAL B 160 1.57 -38.03 -5.49
C VAL B 160 2.61 -39.14 -5.52
N SER B 161 3.84 -38.80 -5.91
CA SER B 161 4.95 -39.75 -5.89
C SER B 161 5.50 -39.96 -4.50
N ALA B 162 5.35 -38.98 -3.63
CA ALA B 162 5.85 -39.11 -2.27
C ALA B 162 4.91 -39.95 -1.41
N GLY B 163 5.31 -41.17 -1.12
CA GLY B 163 4.51 -42.08 -0.31
C GLY B 163 4.66 -41.83 1.18
N PRO B 164 4.14 -42.75 1.99
CA PRO B 164 4.09 -42.61 3.46
C PRO B 164 5.48 -42.61 4.09
N GLY B 165 6.42 -43.30 3.45
CA GLY B 165 7.77 -43.41 3.95
C GLY B 165 8.47 -42.07 3.96
N THR B 166 8.53 -41.44 2.79
CA THR B 166 9.15 -40.13 2.65
C THR B 166 8.46 -39.08 3.54
N ARG B 167 7.14 -39.18 3.67
CA ARG B 167 6.37 -38.14 4.37
C ARG B 167 6.51 -38.25 5.89
N ALA B 168 6.45 -39.47 6.41
CA ALA B 168 6.61 -39.70 7.84
C ALA B 168 8.03 -39.39 8.31
N ASN B 169 8.99 -39.48 7.40
CA ASN B 169 10.40 -39.35 7.74
C ASN B 169 11.13 -38.30 6.92
N ILE B 170 10.51 -37.15 6.71
CA ILE B 170 11.10 -36.15 5.84
C ILE B 170 12.44 -35.63 6.36
N ASP B 171 12.59 -35.50 7.68
CA ASP B 171 13.86 -35.09 8.27
C ASP B 171 14.96 -36.10 7.97
N GLU B 172 14.58 -37.37 7.95
CA GLU B 172 15.56 -38.40 7.73
C GLU B 172 16.02 -38.38 6.28
N PHE B 173 15.10 -38.07 5.36
CA PHE B 173 15.50 -37.89 3.97
C PHE B 173 16.56 -36.80 3.87
N THR B 174 16.28 -35.64 4.43
CA THR B 174 17.20 -34.51 4.29
C THR B 174 18.54 -34.79 4.99
N LYS B 175 18.48 -35.38 6.19
CA LYS B 175 19.70 -35.66 6.94
C LYS B 175 20.55 -36.74 6.27
N THR B 176 19.89 -37.78 5.77
CA THR B 176 20.62 -38.89 5.18
C THR B 176 21.24 -38.47 3.86
N THR B 177 20.50 -37.69 3.08
CA THR B 177 20.99 -37.25 1.77
C THR B 177 22.18 -36.30 1.93
N ALA B 178 22.07 -35.35 2.85
CA ALA B 178 23.17 -34.43 3.14
C ALA B 178 24.43 -35.18 3.57
N ARG B 179 24.25 -36.16 4.45
CA ARG B 179 25.37 -36.97 4.94
C ARG B 179 26.04 -37.70 3.77
N GLY B 180 25.23 -38.29 2.89
CA GLY B 180 25.73 -38.96 1.71
C GLY B 180 26.45 -38.02 0.75
N VAL B 181 25.91 -36.80 0.60
CA VAL B 181 26.54 -35.77 -0.22
C VAL B 181 27.96 -35.52 0.28
N GLN B 182 28.14 -35.67 1.59
CA GLN B 182 29.43 -35.50 2.26
C GLN B 182 30.32 -36.74 2.11
N THR B 183 29.87 -37.87 2.66
CA THR B 183 30.67 -39.09 2.72
C THR B 183 30.96 -39.74 1.36
N ILE B 184 29.99 -39.69 0.45
CA ILE B 184 30.15 -40.31 -0.85
C ILE B 184 30.45 -39.28 -1.94
N GLY B 185 29.78 -38.14 -1.87
CA GLY B 185 29.97 -37.09 -2.86
C GLY B 185 31.32 -36.41 -2.74
N GLY B 186 31.87 -36.41 -1.54
CA GLY B 186 33.18 -35.82 -1.33
C GLY B 186 33.18 -34.34 -0.97
N ALA B 187 32.01 -33.78 -0.69
CA ALA B 187 31.96 -32.40 -0.18
C ALA B 187 32.25 -32.39 1.31
N ALA B 188 32.98 -31.38 1.80
CA ALA B 188 33.29 -31.31 3.22
C ALA B 188 31.99 -31.21 4.01
N ARG B 189 31.01 -30.51 3.45
CA ARG B 189 29.74 -30.30 4.12
C ARG B 189 28.56 -30.40 3.13
N GLY B 190 27.47 -30.99 3.59
CA GLY B 190 26.34 -31.23 2.71
C GLY B 190 25.05 -30.69 3.26
N LYS B 191 24.13 -30.37 2.36
CA LYS B 191 22.78 -29.98 2.74
C LYS B 191 21.78 -30.47 1.70
N ALA B 192 20.65 -30.98 2.16
CA ALA B 192 19.60 -31.43 1.25
C ALA B 192 18.27 -30.76 1.57
N ILE B 193 17.53 -30.41 0.53
CA ILE B 193 16.19 -29.82 0.64
C ILE B 193 15.25 -30.63 -0.25
N ILE B 194 14.06 -30.94 0.25
CA ILE B 194 13.06 -31.57 -0.59
C ILE B 194 11.77 -30.78 -0.60
N ILE B 195 11.23 -30.58 -1.81
CA ILE B 195 10.00 -29.84 -2.03
C ILE B 195 8.99 -30.76 -2.72
N LEU B 196 7.82 -30.92 -2.11
CA LEU B 196 6.76 -31.73 -2.72
C LEU B 196 5.78 -30.82 -3.43
N ASN B 197 5.73 -30.91 -4.76
CA ASN B 197 4.86 -30.03 -5.53
C ASN B 197 3.62 -30.77 -6.06
N PRO B 198 2.42 -30.30 -5.69
CA PRO B 198 1.16 -30.97 -6.00
C PRO B 198 0.60 -30.70 -7.40
N ALA B 199 1.41 -30.12 -8.28
CA ALA B 199 0.94 -29.75 -9.62
C ALA B 199 0.29 -30.90 -10.40
N ASP B 200 -0.72 -30.56 -11.19
CA ASP B 200 -1.43 -31.51 -12.03
C ASP B 200 -1.37 -31.02 -13.47
N PRO B 201 -0.79 -31.82 -14.38
CA PRO B 201 -0.30 -33.18 -14.19
C PRO B 201 1.01 -33.24 -13.40
N PRO B 202 1.27 -34.36 -12.73
CA PRO B 202 2.43 -34.48 -11.84
C PRO B 202 3.74 -34.15 -12.54
N MET B 203 4.59 -33.40 -11.87
CA MET B 203 5.85 -32.98 -12.46
C MET B 203 6.80 -34.18 -12.52
N ILE B 204 7.68 -34.17 -13.52
CA ILE B 204 8.80 -35.09 -13.54
C ILE B 204 9.79 -34.62 -12.47
N MET B 205 10.29 -35.52 -11.65
CA MET B 205 11.27 -35.17 -10.61
C MET B 205 12.43 -34.38 -11.20
N ARG B 206 12.80 -33.28 -10.55
CA ARG B 206 14.05 -32.64 -10.92
C ARG B 206 14.87 -32.33 -9.69
N ASP B 207 16.16 -32.06 -9.91
CA ASP B 207 17.08 -31.80 -8.84
C ASP B 207 18.02 -30.71 -9.25
N THR B 208 18.38 -29.88 -8.29
CA THR B 208 19.36 -28.84 -8.52
C THR B 208 20.50 -29.12 -7.56
N ILE B 209 21.73 -29.10 -8.08
CA ILE B 209 22.90 -29.37 -7.27
C ILE B 209 23.81 -28.15 -7.30
N PHE B 210 24.07 -27.60 -6.11
CA PHE B 210 24.98 -26.47 -5.93
C PHE B 210 26.27 -26.98 -5.28
N CYS B 211 27.41 -26.78 -5.93
CA CYS B 211 28.70 -27.10 -5.29
C CYS B 211 29.57 -25.86 -5.17
N ALA B 212 29.98 -25.52 -3.95
CA ALA B 212 31.01 -24.50 -3.79
C ALA B 212 32.32 -25.02 -4.36
N ILE B 213 33.01 -24.17 -5.12
CA ILE B 213 34.30 -24.56 -5.70
C ILE B 213 35.32 -23.45 -5.45
N PRO B 214 36.63 -23.74 -5.61
CA PRO B 214 37.61 -22.66 -5.48
C PRO B 214 37.38 -21.58 -6.53
N THR B 215 37.79 -20.36 -6.23
CA THR B 215 37.57 -19.23 -7.13
C THR B 215 38.44 -19.31 -8.37
N ASP B 216 39.49 -20.10 -8.33
CA ASP B 216 40.38 -20.29 -9.47
C ASP B 216 40.18 -21.65 -10.14
N ALA B 217 39.05 -22.28 -9.84
CA ALA B 217 38.77 -23.64 -10.31
C ALA B 217 38.81 -23.81 -11.83
N ASP B 218 39.27 -24.98 -12.28
CA ASP B 218 39.27 -25.31 -13.70
C ASP B 218 37.85 -25.66 -14.12
N ARG B 219 37.13 -24.67 -14.64
CA ARG B 219 35.72 -24.81 -14.97
C ARG B 219 35.46 -25.79 -16.09
N GLU B 220 36.37 -25.81 -17.06
CA GLU B 220 36.25 -26.71 -18.20
C GLU B 220 36.40 -28.16 -17.75
N ALA B 221 37.36 -28.41 -16.86
CA ALA B 221 37.55 -29.75 -16.31
C ALA B 221 36.31 -30.18 -15.52
N ILE B 222 35.72 -29.23 -14.82
CA ILE B 222 34.52 -29.48 -14.03
C ILE B 222 33.31 -29.82 -14.91
N ALA B 223 33.08 -28.99 -15.93
CA ALA B 223 31.95 -29.20 -16.82
C ALA B 223 32.10 -30.52 -17.59
N ALA B 224 33.33 -30.82 -18.01
CA ALA B 224 33.61 -32.07 -18.70
C ALA B 224 33.29 -33.25 -17.80
N SER B 225 33.70 -33.13 -16.54
CA SER B 225 33.49 -34.19 -15.55
C SER B 225 32.01 -34.42 -15.29
N ILE B 226 31.26 -33.33 -15.18
CA ILE B 226 29.81 -33.41 -14.96
C ILE B 226 29.10 -34.11 -16.11
N HIS B 227 29.44 -33.74 -17.35
CA HIS B 227 28.88 -34.40 -18.52
C HIS B 227 29.20 -35.90 -18.56
N ASP B 228 30.43 -36.26 -18.16
CA ASP B 228 30.84 -37.66 -18.14
C ASP B 228 30.02 -38.48 -17.17
N VAL B 229 29.74 -37.92 -15.99
CA VAL B 229 28.99 -38.66 -14.98
C VAL B 229 27.51 -38.78 -15.33
N VAL B 230 27.00 -37.79 -16.05
CA VAL B 230 25.61 -37.86 -16.48
C VAL B 230 25.44 -39.01 -17.47
N LYS B 231 26.38 -39.12 -18.41
CA LYS B 231 26.38 -40.21 -19.38
C LYS B 231 26.49 -41.55 -18.68
N GLU B 232 27.27 -41.61 -17.62
CA GLU B 232 27.42 -42.84 -16.86
C GLU B 232 26.11 -43.24 -16.18
N VAL B 233 25.47 -42.26 -15.55
CA VAL B 233 24.17 -42.48 -14.92
C VAL B 233 23.12 -42.89 -15.97
N GLN B 234 23.21 -42.30 -17.16
CA GLN B 234 22.27 -42.59 -18.23
C GLN B 234 22.32 -44.05 -18.69
N THR B 235 23.45 -44.72 -18.47
CA THR B 235 23.59 -46.13 -18.81
C THR B 235 22.68 -47.02 -17.97
N TYR B 236 22.25 -46.54 -16.81
CA TYR B 236 21.28 -47.30 -16.01
C TYR B 236 19.95 -46.55 -15.74
N VAL B 237 19.93 -45.24 -16.00
CA VAL B 237 18.70 -44.45 -15.92
C VAL B 237 18.57 -43.62 -17.18
N PRO B 238 17.88 -44.16 -18.19
CA PRO B 238 17.83 -43.50 -19.51
C PRO B 238 17.13 -42.15 -19.46
N GLY B 239 16.15 -41.99 -18.58
CA GLY B 239 15.43 -40.72 -18.46
C GLY B 239 16.14 -39.65 -17.64
N TYR B 240 17.34 -39.97 -17.17
CA TYR B 240 18.16 -39.01 -16.42
C TYR B 240 18.86 -38.07 -17.38
N ARG B 241 18.67 -36.76 -17.24
CA ARG B 241 19.26 -35.83 -18.19
C ARG B 241 19.55 -34.43 -17.62
N LEU B 242 20.56 -33.78 -18.21
CA LEU B 242 20.88 -32.39 -17.89
C LEU B 242 19.89 -31.46 -18.56
N LEU B 243 19.30 -30.57 -17.78
CA LEU B 243 18.41 -29.56 -18.33
C LEU B 243 19.20 -28.42 -18.94
N ASN B 244 20.36 -28.13 -18.35
CA ASN B 244 21.22 -27.05 -18.83
C ASN B 244 22.68 -27.43 -18.72
N GLU B 245 23.53 -26.66 -19.40
CA GLU B 245 24.98 -26.73 -19.14
C GLU B 245 25.22 -26.29 -17.70
N PRO B 246 26.24 -26.85 -17.06
CA PRO B 246 26.64 -26.41 -15.72
C PRO B 246 26.84 -24.89 -15.67
N GLN B 247 26.29 -24.26 -14.64
CA GLN B 247 26.35 -22.81 -14.53
C GLN B 247 27.40 -22.44 -13.50
N PHE B 248 28.30 -21.53 -13.86
CA PHE B 248 29.37 -21.11 -12.95
C PHE B 248 29.13 -19.68 -12.48
N ASP B 249 29.27 -19.45 -11.18
CA ASP B 249 29.03 -18.14 -10.60
C ASP B 249 30.13 -17.73 -9.65
N GLU B 250 30.34 -16.42 -9.52
CA GLU B 250 31.42 -15.89 -8.69
C GLU B 250 30.90 -15.59 -7.28
N PRO B 251 31.81 -15.35 -6.31
CA PRO B 251 31.39 -15.01 -4.95
C PRO B 251 30.39 -13.86 -4.91
N SER B 252 29.35 -14.01 -4.09
CA SER B 252 28.32 -12.98 -3.95
C SER B 252 27.77 -12.98 -2.52
N ILE B 253 26.92 -11.99 -2.23
CA ILE B 253 26.17 -11.96 -0.98
C ILE B 253 25.31 -13.22 -0.87
N ASN B 254 24.59 -13.54 -1.95
CA ASN B 254 23.75 -14.74 -1.96
C ASN B 254 24.54 -16.00 -1.62
N SER B 255 25.72 -16.14 -2.21
CA SER B 255 26.51 -17.36 -2.06
C SER B 255 27.47 -17.33 -0.87
N GLY B 256 27.35 -16.31 -0.02
CA GLY B 256 28.22 -16.18 1.14
C GLY B 256 29.68 -16.07 0.77
N GLY B 257 29.97 -15.36 -0.33
CA GLY B 257 31.34 -15.20 -0.79
C GLY B 257 31.97 -16.46 -1.37
N GLN B 258 31.16 -17.45 -1.72
CA GLN B 258 31.67 -18.68 -2.30
C GLN B 258 31.42 -18.73 -3.80
N ALA B 259 32.44 -19.11 -4.57
CA ALA B 259 32.24 -19.43 -5.98
C ALA B 259 31.51 -20.76 -6.06
N LEU B 260 30.83 -21.02 -7.16
CA LEU B 260 30.12 -22.28 -7.27
C LEU B 260 29.78 -22.66 -8.69
N VAL B 261 29.41 -23.93 -8.84
CA VAL B 261 28.87 -24.43 -10.08
C VAL B 261 27.51 -25.03 -9.76
N THR B 262 26.52 -24.72 -10.61
CA THR B 262 25.17 -25.18 -10.38
C THR B 262 24.76 -26.12 -11.51
N THR B 263 24.16 -27.24 -11.13
CA THR B 263 23.76 -28.25 -12.09
C THR B 263 22.29 -28.62 -11.96
N PHE B 264 21.59 -28.68 -13.09
CA PHE B 264 20.17 -28.98 -13.12
C PHE B 264 19.92 -30.28 -13.86
N VAL B 265 19.29 -31.24 -13.19
CA VAL B 265 18.94 -32.50 -13.84
C VAL B 265 17.44 -32.76 -13.75
N GLU B 266 16.94 -33.57 -14.67
CA GLU B 266 15.58 -34.03 -14.63
C GLU B 266 15.62 -35.55 -14.69
N VAL B 267 14.73 -36.22 -13.96
CA VAL B 267 14.77 -37.68 -13.88
C VAL B 267 13.42 -38.30 -14.23
N GLU B 268 13.25 -38.68 -15.48
CA GLU B 268 12.01 -39.32 -15.93
C GLU B 268 12.10 -40.83 -15.85
N GLY B 269 11.15 -41.44 -15.16
CA GLY B 269 11.11 -42.89 -15.00
C GLY B 269 10.84 -43.60 -16.32
N ALA B 270 11.04 -44.92 -16.33
CA ALA B 270 10.87 -45.70 -17.54
C ALA B 270 9.39 -45.97 -17.82
N GLY B 271 8.57 -45.81 -16.80
CA GLY B 271 7.15 -46.12 -16.91
C GLY B 271 6.91 -47.61 -16.86
N ASP B 272 7.64 -48.31 -16.00
CA ASP B 272 7.50 -49.77 -15.89
C ASP B 272 6.26 -50.17 -15.08
N TYR B 273 6.35 -50.21 -13.76
CA TYR B 273 5.15 -50.41 -12.95
C TYR B 273 4.65 -49.06 -12.45
N LEU B 274 5.53 -48.08 -12.51
CA LEU B 274 5.23 -46.74 -12.01
C LEU B 274 5.21 -45.75 -13.17
N PRO B 275 4.41 -44.68 -13.04
CA PRO B 275 4.30 -43.72 -14.14
C PRO B 275 5.58 -42.91 -14.26
N PRO B 276 5.86 -42.36 -15.46
CA PRO B 276 7.13 -41.66 -15.73
C PRO B 276 7.45 -40.49 -14.78
N TYR B 277 6.45 -39.88 -14.18
CA TYR B 277 6.70 -38.78 -13.24
C TYR B 277 7.21 -39.29 -11.90
N ALA B 278 7.15 -40.60 -11.70
CA ALA B 278 7.63 -41.17 -10.44
C ALA B 278 9.12 -41.53 -10.50
N GLY B 279 9.91 -40.62 -11.05
CA GLY B 279 11.35 -40.82 -11.20
C GLY B 279 12.08 -41.00 -9.89
N ASN B 280 11.51 -40.49 -8.81
CA ASN B 280 12.12 -40.65 -7.48
C ASN B 280 12.09 -42.12 -7.06
N LEU B 281 11.09 -42.85 -7.52
CA LEU B 281 11.02 -44.27 -7.21
C LEU B 281 11.80 -45.06 -8.25
N ASP B 282 11.80 -44.57 -9.48
CA ASP B 282 12.49 -45.22 -10.58
C ASP B 282 14.01 -45.31 -10.38
N ILE B 283 14.60 -44.21 -9.92
CA ILE B 283 16.05 -44.14 -9.80
C ILE B 283 16.59 -45.08 -8.75
N MET B 284 15.80 -45.36 -7.72
CA MET B 284 16.16 -46.38 -6.74
C MET B 284 16.30 -47.74 -7.43
N THR B 285 15.24 -48.16 -8.12
CA THR B 285 15.24 -49.49 -8.74
C THR B 285 16.28 -49.65 -9.84
N ALA B 286 16.43 -48.62 -10.67
CA ALA B 286 17.44 -48.65 -11.72
C ALA B 286 18.86 -48.74 -11.12
N ALA B 287 19.15 -47.87 -10.15
CA ALA B 287 20.45 -47.91 -9.48
C ALA B 287 20.68 -49.25 -8.77
N ALA B 288 19.67 -49.71 -8.06
CA ALA B 288 19.74 -50.99 -7.35
C ALA B 288 20.07 -52.14 -8.31
N THR B 289 19.46 -52.09 -9.49
CA THR B 289 19.68 -53.12 -10.50
C THR B 289 21.12 -53.04 -11.02
N LYS B 290 21.62 -51.82 -11.13
CA LYS B 290 22.99 -51.60 -11.59
C LYS B 290 23.98 -52.17 -10.59
N VAL B 291 23.74 -51.90 -9.31
CA VAL B 291 24.57 -52.44 -8.25
C VAL B 291 24.58 -53.97 -8.25
N GLY B 292 23.40 -54.55 -8.38
CA GLY B 292 23.26 -56.00 -8.45
C GLY B 292 24.03 -56.61 -9.59
N GLU B 293 23.98 -55.95 -10.74
CA GLU B 293 24.66 -56.44 -11.93
C GLU B 293 26.18 -56.39 -11.81
N GLU B 294 26.69 -55.34 -11.18
CA GLU B 294 28.12 -55.23 -10.97
C GLU B 294 28.62 -56.25 -9.96
N ILE B 295 27.82 -56.48 -8.91
CA ILE B 295 28.12 -57.52 -7.94
C ILE B 295 28.13 -58.90 -8.59
N ALA B 296 27.14 -59.16 -9.45
CA ALA B 296 27.04 -60.43 -10.15
C ALA B 296 28.21 -60.65 -11.09
N LYS B 297 28.56 -59.62 -11.87
CA LYS B 297 29.73 -59.66 -12.72
C LYS B 297 30.98 -59.99 -11.92
N GLU B 298 31.37 -59.03 -11.08
CA GLU B 298 32.62 -59.09 -10.34
C GLU B 298 32.75 -60.33 -9.46
N THR B 299 31.92 -60.39 -8.41
CA THR B 299 32.12 -61.37 -7.35
C THR B 299 31.50 -62.74 -7.66
N LEU B 300 30.48 -62.77 -8.50
CA LEU B 300 29.81 -64.02 -8.83
C LEU B 300 30.30 -64.61 -10.15
N VAL B 301 29.76 -64.12 -11.26
CA VAL B 301 30.14 -64.60 -12.59
C VAL B 301 31.48 -63.99 -13.03
N MET C 4 -18.15 -2.23 -22.47
CA MET C 4 -17.10 -1.22 -22.36
C MET C 4 -16.39 -1.25 -21.00
N TRP C 5 -17.14 -0.96 -19.93
CA TRP C 5 -16.66 -1.16 -18.58
C TRP C 5 -17.82 -1.31 -17.58
N ASP C 6 -17.56 -1.97 -16.46
CA ASP C 6 -18.49 -1.96 -15.35
C ASP C 6 -18.19 -0.71 -14.50
N VAL C 7 -16.91 -0.36 -14.40
CA VAL C 7 -16.51 0.82 -13.65
C VAL C 7 -15.57 1.66 -14.50
N ARG C 8 -15.82 2.97 -14.53
CA ARG C 8 -14.93 3.88 -15.25
C ARG C 8 -13.82 4.39 -14.33
N ILE C 9 -12.59 4.12 -14.71
CA ILE C 9 -11.42 4.53 -13.89
C ILE C 9 -10.91 5.88 -14.35
N THR C 10 -10.78 6.80 -13.40
CA THR C 10 -10.10 8.05 -13.65
C THR C 10 -8.72 7.96 -13.00
N ASP C 11 -7.68 8.25 -13.77
CA ASP C 11 -6.35 8.37 -13.22
C ASP C 11 -6.10 9.83 -12.83
N THR C 12 -5.64 10.04 -11.60
CA THR C 12 -5.36 11.40 -11.14
C THR C 12 -3.87 11.56 -10.73
N SER C 13 -2.99 10.83 -11.42
CA SER C 13 -1.54 10.97 -11.25
C SER C 13 -1.07 12.37 -11.58
N LEU C 14 -1.78 13.03 -12.47
CA LEU C 14 -1.37 14.36 -12.94
C LEU C 14 -2.21 15.48 -12.35
N ARG C 15 -2.98 15.17 -11.31
CA ARG C 15 -3.69 16.20 -10.58
C ARG C 15 -3.45 15.96 -9.12
N ASP C 16 -4.03 14.90 -8.58
CA ASP C 16 -3.76 14.60 -7.18
C ASP C 16 -2.26 14.36 -6.98
N GLY C 17 -1.62 13.74 -7.95
CA GLY C 17 -0.19 13.50 -7.92
C GLY C 17 0.64 14.76 -7.93
N SER C 18 0.03 15.86 -8.36
CA SER C 18 0.72 17.16 -8.37
C SER C 18 1.10 17.57 -6.95
N HIS C 19 0.31 17.14 -5.97
CA HIS C 19 0.65 17.39 -4.57
C HIS C 19 2.01 16.75 -4.24
N HIS C 20 2.17 15.49 -4.61
CA HIS C 20 3.40 14.74 -4.36
C HIS C 20 4.55 15.31 -5.18
N LYS C 21 4.25 15.73 -6.41
CA LYS C 21 5.21 16.38 -7.30
C LYS C 21 5.51 17.83 -6.88
N ARG C 22 4.80 18.31 -5.85
CA ARG C 22 4.84 19.73 -5.49
C ARG C 22 4.61 20.65 -6.70
N HIS C 23 3.74 20.19 -7.62
CA HIS C 23 3.28 20.99 -8.75
C HIS C 23 4.42 21.39 -9.67
N GLN C 24 5.41 20.49 -9.76
CA GLN C 24 6.59 20.72 -10.60
C GLN C 24 6.53 20.00 -11.97
N PHE C 25 5.35 19.55 -12.39
CA PHE C 25 5.25 18.81 -13.65
C PHE C 25 5.72 19.63 -14.83
N THR C 26 6.38 18.97 -15.77
CA THR C 26 6.78 19.61 -17.02
C THR C 26 5.92 19.07 -18.14
N LYS C 27 5.96 19.73 -19.29
CA LYS C 27 5.20 19.27 -20.44
C LYS C 27 5.68 17.88 -20.87
N ASP C 28 6.97 17.64 -20.79
CA ASP C 28 7.53 16.35 -21.19
C ASP C 28 6.98 15.19 -20.35
N GLU C 29 6.87 15.45 -19.05
CA GLU C 29 6.29 14.49 -18.11
C GLU C 29 4.80 14.25 -18.37
N VAL C 30 4.03 15.33 -18.52
CA VAL C 30 2.61 15.18 -18.79
C VAL C 30 2.34 14.45 -20.11
N GLY C 31 3.04 14.84 -21.16
CA GLY C 31 2.88 14.21 -22.47
C GLY C 31 3.19 12.73 -22.43
N ALA C 32 4.30 12.36 -21.79
CA ALA C 32 4.70 10.96 -21.72
C ALA C 32 3.67 10.15 -20.95
N ILE C 33 3.26 10.68 -19.81
CA ILE C 33 2.30 10.00 -18.94
C ILE C 33 0.90 9.88 -19.58
N VAL C 34 0.43 10.95 -20.21
CA VAL C 34 -0.88 10.91 -20.85
C VAL C 34 -0.88 9.83 -21.93
N ALA C 35 0.14 9.85 -22.79
CA ALA C 35 0.24 8.90 -23.89
C ALA C 35 0.26 7.46 -23.39
N ALA C 36 1.07 7.21 -22.36
CA ALA C 36 1.20 5.86 -21.82
C ALA C 36 -0.12 5.37 -21.21
N LEU C 37 -0.77 6.21 -20.44
CA LEU C 37 -2.07 5.87 -19.85
C LEU C 37 -3.15 5.69 -20.90
N ASP C 38 -3.17 6.60 -21.86
CA ASP C 38 -4.12 6.52 -22.97
C ASP C 38 -3.98 5.18 -23.68
N ALA C 39 -2.76 4.83 -24.06
CA ALA C 39 -2.49 3.57 -24.77
C ALA C 39 -2.89 2.34 -23.95
N ALA C 40 -2.78 2.43 -22.63
CA ALA C 40 -3.12 1.31 -21.76
C ALA C 40 -4.62 1.08 -21.63
N GLY C 41 -5.41 2.07 -22.04
CA GLY C 41 -6.85 1.98 -21.98
C GLY C 41 -7.52 2.84 -20.91
N VAL C 42 -6.76 3.65 -20.19
CA VAL C 42 -7.34 4.53 -19.19
C VAL C 42 -8.31 5.53 -19.84
N PRO C 43 -9.58 5.52 -19.43
CA PRO C 43 -10.58 6.30 -20.17
C PRO C 43 -10.64 7.75 -19.73
N VAL C 44 -10.21 8.05 -18.50
CA VAL C 44 -10.24 9.42 -18.01
C VAL C 44 -8.93 9.75 -17.27
N ILE C 45 -8.25 10.79 -17.72
CA ILE C 45 -7.01 11.24 -17.12
C ILE C 45 -7.17 12.66 -16.57
N GLU C 46 -7.06 12.81 -15.25
CA GLU C 46 -7.21 14.14 -14.65
C GLU C 46 -5.90 14.92 -14.60
N VAL C 47 -5.94 16.16 -15.11
CA VAL C 47 -4.75 17.01 -15.16
C VAL C 47 -5.08 18.40 -14.62
N THR C 48 -4.47 18.78 -13.50
CA THR C 48 -4.65 20.13 -12.97
C THR C 48 -3.66 20.33 -11.83
N HIS C 49 -3.62 21.53 -11.29
CA HIS C 49 -2.85 21.77 -10.07
C HIS C 49 -3.50 20.88 -9.04
N GLY C 50 -2.78 20.47 -8.01
CA GLY C 50 -3.37 19.60 -7.01
C GLY C 50 -4.66 20.16 -6.40
N ASP C 51 -4.72 21.48 -6.22
CA ASP C 51 -5.90 22.14 -5.66
C ASP C 51 -6.83 22.66 -6.73
N GLY C 52 -6.75 22.07 -7.91
CA GLY C 52 -7.65 22.40 -8.99
C GLY C 52 -7.26 23.68 -9.66
N LEU C 53 -8.11 24.10 -10.58
CA LEU C 53 -7.98 25.32 -11.35
C LEU C 53 -7.79 26.49 -10.39
N GLY C 54 -6.81 27.35 -10.68
CA GLY C 54 -6.48 28.47 -9.83
C GLY C 54 -5.70 28.10 -8.57
N GLY C 55 -5.28 26.85 -8.46
CA GLY C 55 -4.56 26.39 -7.28
C GLY C 55 -3.16 26.96 -7.09
N SER C 56 -2.51 27.35 -8.19
CA SER C 56 -1.12 27.80 -8.12
C SER C 56 -1.08 29.09 -7.30
N SER C 57 -0.36 29.05 -6.17
CA SER C 57 -0.45 30.12 -5.17
C SER C 57 0.60 29.91 -4.09
N PHE C 58 0.77 30.91 -3.22
CA PHE C 58 1.60 30.74 -2.05
C PHE C 58 1.01 29.67 -1.16
N ASN C 59 -0.33 29.67 -1.07
CA ASN C 59 -0.99 28.81 -0.09
C ASN C 59 -0.83 27.31 -0.39
N TYR C 60 -0.92 26.95 -1.67
CA TYR C 60 -0.88 25.55 -2.09
C TYR C 60 0.40 25.19 -2.83
N GLY C 61 1.12 26.20 -3.28
CA GLY C 61 2.40 25.98 -3.93
C GLY C 61 2.28 26.43 -5.37
N PHE C 62 3.30 27.13 -5.86
CA PHE C 62 3.28 27.58 -7.26
C PHE C 62 3.59 26.43 -8.23
N SER C 63 2.94 26.46 -9.39
CA SER C 63 3.18 25.48 -10.45
C SER C 63 4.45 25.86 -11.17
N LYS C 64 5.25 24.87 -11.54
CA LYS C 64 6.36 25.10 -12.46
C LYS C 64 5.82 25.41 -13.87
N THR C 65 4.79 24.69 -14.28
CA THR C 65 4.14 24.91 -15.58
C THR C 65 2.66 25.26 -15.38
N PRO C 66 2.19 26.38 -15.97
CA PRO C 66 0.78 26.75 -15.86
C PRO C 66 -0.14 25.60 -16.25
N GLU C 67 -1.09 25.29 -15.38
CA GLU C 67 -1.94 24.10 -15.54
C GLU C 67 -2.66 24.08 -16.88
N GLN C 68 -3.09 25.25 -17.34
CA GLN C 68 -3.80 25.36 -18.61
C GLN C 68 -2.98 24.84 -19.79
N GLU C 69 -1.68 25.11 -19.78
CA GLU C 69 -0.79 24.58 -20.82
C GLU C 69 -0.69 23.06 -20.74
N LEU C 70 -0.71 22.54 -19.51
CA LEU C 70 -0.66 21.10 -19.31
C LEU C 70 -1.96 20.41 -19.74
N ILE C 71 -3.09 21.06 -19.48
CA ILE C 71 -4.37 20.52 -19.91
C ILE C 71 -4.38 20.49 -21.43
N LYS C 72 -3.96 21.61 -22.01
CA LYS C 72 -3.92 21.75 -23.46
C LYS C 72 -3.05 20.66 -24.09
N LEU C 73 -1.89 20.41 -23.50
CA LEU C 73 -1.00 19.37 -24.01
C LEU C 73 -1.60 17.98 -23.82
N ALA C 74 -2.21 17.75 -22.67
CA ALA C 74 -2.88 16.48 -22.41
C ALA C 74 -3.98 16.18 -23.45
N ALA C 75 -4.82 17.18 -23.75
CA ALA C 75 -5.89 17.02 -24.73
C ALA C 75 -5.35 16.79 -26.14
N ALA C 76 -4.19 17.36 -26.45
CA ALA C 76 -3.62 17.13 -27.77
C ALA C 76 -2.93 15.78 -27.82
N THR C 77 -2.62 15.20 -26.67
CA THR C 77 -1.91 13.93 -26.66
C THR C 77 -2.84 12.73 -26.68
N ALA C 78 -3.86 12.76 -25.83
CA ALA C 78 -4.77 11.63 -25.67
C ALA C 78 -5.58 11.32 -26.93
N LYS C 79 -5.64 10.05 -27.29
CA LYS C 79 -6.40 9.63 -28.47
C LYS C 79 -7.76 9.06 -28.09
N GLU C 80 -7.84 8.38 -26.95
CA GLU C 80 -9.11 7.78 -26.54
C GLU C 80 -9.55 8.33 -25.20
N ALA C 81 -8.60 8.54 -24.31
CA ALA C 81 -8.87 9.06 -22.97
C ALA C 81 -9.45 10.47 -23.06
N ARG C 82 -10.37 10.78 -22.16
CA ARG C 82 -10.85 12.16 -22.02
C ARG C 82 -10.04 12.84 -20.92
N ILE C 83 -9.78 14.13 -21.06
CA ILE C 83 -9.10 14.87 -20.02
C ILE C 83 -10.10 15.50 -19.06
N ALA C 84 -9.89 15.25 -17.77
CA ALA C 84 -10.67 15.80 -16.70
C ALA C 84 -9.83 16.86 -16.00
N PHE C 85 -10.50 17.77 -15.30
CA PHE C 85 -9.80 18.74 -14.49
C PHE C 85 -10.65 19.01 -13.27
N LEU C 86 -9.99 19.41 -12.20
CA LEU C 86 -10.64 19.67 -10.93
C LEU C 86 -10.75 21.18 -10.74
N MET C 87 -11.84 21.61 -10.11
CA MET C 87 -11.89 22.98 -9.62
C MET C 87 -12.67 23.05 -8.32
N LEU C 88 -12.23 23.95 -7.45
CA LEU C 88 -12.87 24.16 -6.16
C LEU C 88 -13.49 25.57 -6.22
N PRO C 89 -14.81 25.66 -6.01
CA PRO C 89 -15.35 27.02 -5.79
C PRO C 89 -14.66 27.65 -4.59
N GLY C 90 -14.35 28.93 -4.69
CA GLY C 90 -13.58 29.61 -3.65
C GLY C 90 -12.09 29.63 -3.93
N VAL C 91 -11.66 28.81 -4.90
CA VAL C 91 -10.28 28.82 -5.37
C VAL C 91 -10.28 29.10 -6.87
N GLY C 92 -10.86 28.18 -7.65
CA GLY C 92 -11.05 28.46 -9.05
C GLY C 92 -12.34 29.22 -9.33
N THR C 93 -12.52 29.64 -10.57
CA THR C 93 -13.73 30.35 -10.97
C THR C 93 -14.34 29.72 -12.22
N LYS C 94 -15.51 30.21 -12.58
CA LYS C 94 -16.16 29.82 -13.82
C LYS C 94 -15.33 30.24 -15.03
N ASP C 95 -14.61 31.36 -14.92
CA ASP C 95 -13.76 31.77 -16.02
C ASP C 95 -12.67 30.71 -16.26
N ASP C 96 -12.17 30.10 -15.19
CA ASP C 96 -11.17 29.03 -15.29
C ASP C 96 -11.75 27.79 -15.96
N ILE C 97 -12.98 27.45 -15.61
CA ILE C 97 -13.64 26.30 -16.21
C ILE C 97 -13.78 26.51 -17.72
N LYS C 98 -14.17 27.72 -18.12
CA LYS C 98 -14.33 27.98 -19.54
C LYS C 98 -13.00 27.88 -20.26
N GLU C 99 -11.95 28.41 -19.63
CA GLU C 99 -10.61 28.32 -20.19
C GLU C 99 -10.14 26.87 -20.35
N ALA C 100 -10.40 26.05 -19.34
CA ALA C 100 -10.02 24.64 -19.40
C ALA C 100 -10.77 23.92 -20.53
N ARG C 101 -12.05 24.27 -20.67
CA ARG C 101 -12.87 23.68 -21.72
C ARG C 101 -12.28 24.05 -23.06
N ASP C 102 -11.92 25.33 -23.22
CA ASP C 102 -11.37 25.79 -24.49
C ASP C 102 -10.04 25.09 -24.81
N ASN C 103 -9.34 24.63 -23.77
CA ASN C 103 -8.07 23.93 -23.93
C ASN C 103 -8.19 22.40 -24.10
N GLY C 104 -9.42 21.90 -24.15
CA GLY C 104 -9.63 20.50 -24.50
C GLY C 104 -10.12 19.64 -23.37
N GLY C 105 -10.19 20.20 -22.17
CA GLY C 105 -10.76 19.45 -21.05
C GLY C 105 -12.22 19.14 -21.39
N SER C 106 -12.68 17.92 -21.10
CA SER C 106 -14.06 17.57 -21.43
C SER C 106 -14.81 17.04 -20.21
N ILE C 107 -14.10 16.86 -19.10
CA ILE C 107 -14.75 16.43 -17.87
C ILE C 107 -14.39 17.42 -16.77
N CYS C 108 -15.40 18.06 -16.21
CA CYS C 108 -15.19 19.07 -15.18
C CYS C 108 -15.56 18.51 -13.81
N ARG C 109 -14.59 18.43 -12.92
CA ARG C 109 -14.82 17.86 -11.60
C ARG C 109 -14.82 18.98 -10.57
N ILE C 110 -15.98 19.23 -9.97
CA ILE C 110 -16.15 20.35 -9.06
C ILE C 110 -16.20 19.84 -7.64
N ALA C 111 -15.31 20.34 -6.80
CA ALA C 111 -15.12 19.81 -5.45
C ALA C 111 -15.48 20.85 -4.40
N THR C 112 -16.21 20.45 -3.37
CA THR C 112 -16.50 21.34 -2.24
C THR C 112 -16.31 20.51 -1.00
N HIS C 113 -16.13 21.19 0.13
CA HIS C 113 -16.14 20.46 1.39
C HIS C 113 -17.50 19.78 1.45
N CYS C 114 -17.57 18.57 2.01
CA CYS C 114 -18.79 17.77 1.94
C CYS C 114 -20.07 18.45 2.46
N THR C 115 -19.93 19.49 3.28
CA THR C 115 -21.11 20.18 3.84
C THR C 115 -21.51 21.42 3.04
N GLU C 116 -20.75 21.72 1.99
CA GLU C 116 -20.86 23.01 1.33
C GLU C 116 -21.22 22.92 -0.15
N ALA C 117 -21.98 21.90 -0.52
CA ALA C 117 -22.33 21.69 -1.94
C ALA C 117 -23.04 22.87 -2.60
N ASP C 118 -23.79 23.63 -1.81
CA ASP C 118 -24.55 24.71 -2.39
C ASP C 118 -23.72 25.83 -3.04
N VAL C 119 -22.42 25.90 -2.76
CA VAL C 119 -21.57 26.90 -3.42
C VAL C 119 -21.21 26.52 -4.87
N SER C 120 -21.48 25.27 -5.24
CA SER C 120 -21.11 24.78 -6.55
C SER C 120 -22.23 24.81 -7.59
N ILE C 121 -23.43 25.18 -7.17
CA ILE C 121 -24.61 25.11 -8.03
C ILE C 121 -24.41 25.83 -9.37
N GLN C 122 -23.93 27.05 -9.32
CA GLN C 122 -23.69 27.80 -10.56
C GLN C 122 -22.59 27.17 -11.40
N HIS C 123 -21.61 26.56 -10.75
CA HIS C 123 -20.51 25.92 -11.47
C HIS C 123 -20.95 24.72 -12.29
N PHE C 124 -21.74 23.84 -11.69
CA PHE C 124 -22.34 22.72 -12.45
C PHE C 124 -23.18 23.21 -13.62
N GLY C 125 -23.94 24.28 -13.40
CA GLY C 125 -24.81 24.83 -14.42
C GLY C 125 -24.02 25.29 -15.63
N LEU C 126 -22.96 26.05 -15.35
CA LEU C 126 -22.08 26.55 -16.40
C LEU C 126 -21.38 25.40 -17.14
N ALA C 127 -20.83 24.46 -16.37
CA ALA C 127 -20.12 23.33 -16.94
C ALA C 127 -21.00 22.59 -17.94
N ARG C 128 -22.24 22.28 -17.56
CA ARG C 128 -23.18 21.59 -18.46
C ARG C 128 -23.49 22.42 -19.70
N GLU C 129 -23.60 23.74 -19.53
CA GLU C 129 -23.91 24.63 -20.66
C GLU C 129 -22.75 24.68 -21.65
N LEU C 130 -21.53 24.48 -21.15
CA LEU C 130 -20.35 24.44 -22.02
C LEU C 130 -20.17 23.06 -22.65
N GLY C 131 -21.09 22.14 -22.39
CA GLY C 131 -21.01 20.80 -22.93
C GLY C 131 -19.96 19.91 -22.25
N LEU C 132 -19.54 20.29 -21.05
CA LEU C 132 -18.62 19.48 -20.25
C LEU C 132 -19.39 18.42 -19.51
N GLU C 133 -18.83 17.21 -19.42
CA GLU C 133 -19.40 16.21 -18.51
C GLU C 133 -19.05 16.65 -17.10
N THR C 134 -19.95 16.42 -16.15
CA THR C 134 -19.72 16.89 -14.79
C THR C 134 -19.53 15.77 -13.79
N VAL C 135 -18.67 16.03 -12.83
CA VAL C 135 -18.44 15.14 -11.70
C VAL C 135 -18.38 16.06 -10.49
N GLY C 136 -18.95 15.65 -9.37
CA GLY C 136 -18.88 16.42 -8.14
C GLY C 136 -18.12 15.67 -7.07
N PHE C 137 -17.26 16.39 -6.33
CA PHE C 137 -16.51 15.82 -5.21
C PHE C 137 -17.03 16.38 -3.88
N LEU C 138 -17.40 15.49 -2.97
CA LEU C 138 -17.74 15.88 -1.62
C LEU C 138 -16.53 15.52 -0.73
N MET C 139 -15.68 16.51 -0.50
CA MET C 139 -14.39 16.27 0.14
C MET C 139 -14.50 16.06 1.64
N MET C 140 -13.54 15.31 2.19
CA MET C 140 -13.50 15.03 3.62
C MET C 140 -14.76 14.32 4.09
N ALA C 141 -15.19 13.33 3.33
CA ALA C 141 -16.49 12.69 3.54
C ALA C 141 -16.61 11.89 4.83
N HIS C 142 -15.48 11.65 5.49
CA HIS C 142 -15.51 10.96 6.77
C HIS C 142 -16.10 11.84 7.88
N THR C 143 -16.10 13.15 7.69
CA THR C 143 -16.54 14.07 8.75
C THR C 143 -18.05 14.12 9.01
N ILE C 144 -18.86 13.57 8.10
CA ILE C 144 -20.30 13.57 8.29
C ILE C 144 -20.95 12.23 8.00
N ALA C 145 -22.16 12.05 8.50
CA ALA C 145 -22.88 10.79 8.37
C ALA C 145 -23.39 10.60 6.94
N PRO C 146 -23.56 9.32 6.52
CA PRO C 146 -24.04 8.99 5.17
C PRO C 146 -25.30 9.75 4.71
N GLU C 147 -26.32 9.86 5.56
CA GLU C 147 -27.56 10.52 5.15
C GLU C 147 -27.33 12.01 4.87
N LYS C 148 -26.45 12.62 5.66
CA LYS C 148 -26.10 14.02 5.48
C LYS C 148 -25.32 14.21 4.18
N LEU C 149 -24.43 13.28 3.89
CA LEU C 149 -23.64 13.35 2.66
C LEU C 149 -24.57 13.18 1.45
N ALA C 150 -25.57 12.33 1.59
CA ALA C 150 -26.50 12.06 0.49
C ALA C 150 -27.34 13.30 0.16
N ALA C 151 -27.69 14.08 1.17
CA ALA C 151 -28.43 15.32 0.95
C ALA C 151 -27.59 16.34 0.17
N GLN C 152 -26.28 16.36 0.42
CA GLN C 152 -25.37 17.26 -0.28
C GLN C 152 -25.17 16.81 -1.71
N ALA C 153 -25.08 15.49 -1.90
CA ALA C 153 -25.04 14.89 -3.23
C ALA C 153 -26.27 15.26 -4.04
N ARG C 154 -27.43 15.27 -3.38
CA ARG C 154 -28.67 15.63 -4.05
C ARG C 154 -28.62 17.09 -4.52
N ILE C 155 -27.97 17.94 -3.75
CA ILE C 155 -27.80 19.34 -4.16
C ILE C 155 -27.00 19.41 -5.46
N MET C 156 -25.91 18.64 -5.53
CA MET C 156 -25.07 18.66 -6.73
C MET C 156 -25.83 18.07 -7.91
N ALA C 157 -26.49 16.93 -7.67
CA ALA C 157 -27.31 16.28 -8.69
C ALA C 157 -28.34 17.22 -9.30
N ASP C 158 -29.09 17.90 -8.44
CA ASP C 158 -30.10 18.86 -8.91
C ASP C 158 -29.51 20.00 -9.71
N ALA C 159 -28.23 20.31 -9.48
CA ALA C 159 -27.58 21.42 -10.18
C ALA C 159 -27.02 21.03 -11.54
N GLY C 160 -27.02 19.75 -11.86
CA GLY C 160 -26.50 19.29 -13.14
C GLY C 160 -25.37 18.28 -13.01
N CYS C 161 -25.07 17.86 -11.79
CA CYS C 161 -23.94 16.93 -11.59
C CYS C 161 -24.30 15.53 -12.06
N GLN C 162 -23.45 14.95 -12.90
CA GLN C 162 -23.71 13.63 -13.47
C GLN C 162 -23.15 12.48 -12.64
N CYS C 163 -22.22 12.77 -11.75
CA CYS C 163 -21.68 11.74 -10.86
C CYS C 163 -21.12 12.39 -9.61
N VAL C 164 -21.62 11.97 -8.45
CA VAL C 164 -21.13 12.50 -7.19
C VAL C 164 -20.22 11.49 -6.51
N TYR C 165 -19.04 11.95 -6.13
CA TYR C 165 -18.03 11.10 -5.50
C TYR C 165 -18.08 11.23 -3.99
N VAL C 166 -17.98 10.10 -3.32
CA VAL C 166 -17.57 10.05 -1.93
C VAL C 166 -16.06 10.20 -1.91
N VAL C 167 -15.55 11.22 -1.22
CA VAL C 167 -14.13 11.50 -1.31
C VAL C 167 -13.48 11.43 0.04
N ASP C 168 -12.71 10.37 0.25
CA ASP C 168 -11.92 10.19 1.45
C ASP C 168 -10.61 10.94 1.34
N SER C 169 -10.70 12.26 1.44
CA SER C 169 -9.58 13.19 1.33
C SER C 169 -8.46 12.92 2.32
N ALA C 170 -8.81 12.38 3.48
CA ALA C 170 -7.86 12.22 4.57
C ALA C 170 -7.42 10.76 4.70
N GLY C 171 -7.97 9.91 3.85
CA GLY C 171 -7.62 8.50 3.86
C GLY C 171 -8.04 7.89 5.18
N ALA C 172 -9.16 8.36 5.69
CA ALA C 172 -9.56 8.04 7.07
C ALA C 172 -10.68 7.01 7.16
N LEU C 173 -11.30 6.69 6.04
CA LEU C 173 -12.42 5.76 6.03
C LEU C 173 -11.98 4.31 5.99
N VAL C 174 -12.71 3.48 6.71
CA VAL C 174 -12.46 2.05 6.72
C VAL C 174 -13.65 1.23 6.17
N LEU C 175 -13.47 0.67 4.98
CA LEU C 175 -14.32 -0.39 4.43
C LEU C 175 -15.84 -0.13 4.48
N ASP C 176 -16.50 -0.53 5.57
CA ASP C 176 -17.94 -0.29 5.70
C ASP C 176 -18.28 1.20 5.72
N GLY C 177 -17.39 2.02 6.26
CA GLY C 177 -17.54 3.45 6.23
C GLY C 177 -17.63 4.00 4.82
N VAL C 178 -16.92 3.38 3.89
CA VAL C 178 -17.02 3.75 2.48
C VAL C 178 -18.32 3.22 1.88
N ALA C 179 -18.62 1.95 2.15
CA ALA C 179 -19.82 1.30 1.64
C ALA C 179 -21.11 1.97 2.08
N ASP C 180 -21.17 2.40 3.34
CA ASP C 180 -22.35 3.04 3.89
C ASP C 180 -22.60 4.37 3.19
N ARG C 181 -21.51 5.08 2.91
CA ARG C 181 -21.60 6.38 2.25
C ARG C 181 -22.00 6.24 0.79
N VAL C 182 -21.36 5.30 0.10
CA VAL C 182 -21.67 5.05 -1.31
C VAL C 182 -23.12 4.59 -1.49
N SER C 183 -23.53 3.63 -0.67
CA SER C 183 -24.89 3.11 -0.76
C SER C 183 -25.93 4.20 -0.46
N ALA C 184 -25.64 5.06 0.51
CA ALA C 184 -26.55 6.16 0.83
C ALA C 184 -26.74 7.09 -0.36
N LEU C 185 -25.64 7.41 -1.05
CA LEU C 185 -25.73 8.22 -2.26
C LEU C 185 -26.48 7.51 -3.38
N VAL C 186 -26.25 6.21 -3.55
CA VAL C 186 -26.97 5.46 -4.60
C VAL C 186 -28.46 5.46 -4.31
N ALA C 187 -28.80 5.25 -3.04
CA ALA C 187 -30.21 5.20 -2.65
C ALA C 187 -30.88 6.55 -2.90
N GLU C 188 -30.18 7.64 -2.60
CA GLU C 188 -30.73 8.98 -2.80
C GLU C 188 -30.77 9.41 -4.27
N LEU C 189 -29.68 9.15 -5.00
CA LEU C 189 -29.57 9.63 -6.37
C LEU C 189 -30.37 8.80 -7.38
N GLY C 190 -30.43 7.48 -7.16
CA GLY C 190 -31.11 6.60 -8.09
C GLY C 190 -30.57 6.80 -9.49
N GLU C 191 -31.45 7.09 -10.43
CA GLU C 191 -31.07 7.22 -11.84
C GLU C 191 -30.54 8.62 -12.21
N ASP C 192 -30.62 9.55 -11.28
CA ASP C 192 -30.24 10.94 -11.54
C ASP C 192 -28.75 11.18 -11.73
N ALA C 193 -27.93 10.38 -11.06
CA ALA C 193 -26.49 10.57 -11.13
C ALA C 193 -25.77 9.28 -10.74
N GLN C 194 -24.58 9.09 -11.27
CA GLN C 194 -23.75 7.97 -10.84
C GLN C 194 -23.09 8.35 -9.54
N VAL C 195 -22.50 7.35 -8.88
CA VAL C 195 -21.77 7.60 -7.64
C VAL C 195 -20.33 7.13 -7.83
N GLY C 196 -19.40 7.90 -7.30
CA GLY C 196 -18.00 7.58 -7.45
C GLY C 196 -17.32 7.47 -6.10
N PHE C 197 -16.11 6.91 -6.08
CA PHE C 197 -15.30 6.94 -4.88
C PHE C 197 -13.86 7.28 -5.21
N HIS C 198 -13.26 8.09 -4.34
CA HIS C 198 -11.90 8.52 -4.50
C HIS C 198 -11.29 8.44 -3.13
N GLY C 199 -10.35 7.52 -2.94
CA GLY C 199 -9.79 7.29 -1.62
C GLY C 199 -8.29 7.51 -1.53
N HIS C 200 -7.81 7.79 -0.32
CA HIS C 200 -6.38 7.89 -0.09
C HIS C 200 -5.85 6.70 0.69
N GLU C 201 -4.52 6.56 0.70
CA GLU C 201 -3.88 5.34 1.20
C GLU C 201 -3.31 5.45 2.60
N ASN C 202 -3.73 6.47 3.34
CA ASN C 202 -3.14 6.81 4.64
C ASN C 202 -3.32 5.77 5.74
N LEU C 203 -4.26 4.85 5.53
CA LEU C 203 -4.42 3.72 6.45
C LEU C 203 -4.17 2.43 5.70
N GLY C 204 -3.62 2.54 4.49
CA GLY C 204 -3.29 1.37 3.71
C GLY C 204 -4.52 0.63 3.19
N LEU C 205 -5.59 1.38 2.91
CA LEU C 205 -6.88 0.77 2.48
C LEU C 205 -7.41 1.31 1.15
N GLY C 206 -6.56 1.95 0.35
CA GLY C 206 -7.00 2.51 -0.91
C GLY C 206 -7.71 1.56 -1.86
N VAL C 207 -7.08 0.43 -2.13
CA VAL C 207 -7.64 -0.53 -3.06
C VAL C 207 -8.91 -1.17 -2.53
N ALA C 208 -8.86 -1.65 -1.29
CA ALA C 208 -10.02 -2.30 -0.70
C ALA C 208 -11.22 -1.37 -0.47
N ASN C 209 -10.96 -0.13 -0.08
CA ASN C 209 -12.04 0.83 0.02
C ASN C 209 -12.72 1.02 -1.34
N SER C 210 -11.92 1.02 -2.41
CA SER C 210 -12.46 1.17 -3.76
C SER C 210 -13.33 -0.03 -4.14
N VAL C 211 -12.91 -1.23 -3.73
CA VAL C 211 -13.69 -2.44 -3.95
C VAL C 211 -15.01 -2.37 -3.18
N ALA C 212 -14.95 -1.91 -1.94
CA ALA C 212 -16.14 -1.73 -1.12
C ALA C 212 -17.13 -0.78 -1.81
N ALA C 213 -16.60 0.31 -2.35
CA ALA C 213 -17.41 1.29 -3.06
C ALA C 213 -18.12 0.66 -4.26
N VAL C 214 -17.36 -0.09 -5.05
CA VAL C 214 -17.90 -0.76 -6.23
C VAL C 214 -19.00 -1.75 -5.86
N ARG C 215 -18.78 -2.54 -4.83
CA ARG C 215 -19.84 -3.48 -4.40
C ARG C 215 -21.08 -2.74 -3.89
N ALA C 216 -20.88 -1.56 -3.33
CA ALA C 216 -21.99 -0.73 -2.84
C ALA C 216 -22.72 0.03 -3.96
N GLY C 217 -22.22 -0.05 -5.18
CA GLY C 217 -22.91 0.54 -6.32
C GLY C 217 -22.14 1.62 -7.06
N ALA C 218 -20.89 1.85 -6.70
CA ALA C 218 -20.11 2.92 -7.35
C ALA C 218 -19.76 2.53 -8.78
N LYS C 219 -19.87 3.48 -9.71
CA LYS C 219 -19.59 3.21 -11.11
C LYS C 219 -18.38 3.96 -11.64
N GLN C 220 -17.81 4.82 -10.80
CA GLN C 220 -16.60 5.52 -11.17
C GLN C 220 -15.68 5.44 -9.96
N ILE C 221 -14.39 5.19 -10.22
CA ILE C 221 -13.39 5.04 -9.16
C ILE C 221 -12.15 5.81 -9.58
N ASP C 222 -11.59 6.58 -8.66
CA ASP C 222 -10.32 7.26 -8.87
C ASP C 222 -9.12 6.45 -8.36
N GLY C 223 -8.02 6.50 -9.10
CA GLY C 223 -6.75 6.07 -8.57
C GLY C 223 -5.63 6.83 -9.24
N SER C 224 -4.40 6.55 -8.83
CA SER C 224 -3.23 7.06 -9.54
C SER C 224 -2.26 5.92 -9.76
N CYS C 225 -1.65 5.89 -10.94
CA CYS C 225 -0.59 4.93 -11.19
C CYS C 225 0.51 5.15 -10.18
N ARG C 226 1.02 4.06 -9.61
CA ARG C 226 2.11 4.11 -8.64
C ARG C 226 1.73 4.90 -7.38
N ARG C 227 0.42 5.04 -7.15
CA ARG C 227 -0.12 5.77 -6.00
C ARG C 227 0.11 7.28 -6.07
N PHE C 228 0.71 7.75 -7.17
CA PHE C 228 1.09 9.14 -7.38
C PHE C 228 -0.01 10.14 -6.93
N GLY C 229 0.11 10.69 -5.73
CA GLY C 229 -0.95 11.51 -5.18
C GLY C 229 -0.60 12.01 -3.78
N ALA C 230 -1.53 12.74 -3.16
CA ALA C 230 -1.26 13.36 -1.85
C ALA C 230 -1.25 12.33 -0.74
N GLY C 231 -0.55 12.68 0.35
CA GLY C 231 -0.47 11.78 1.49
C GLY C 231 0.36 10.57 1.17
N ALA C 232 -0.12 9.41 1.60
CA ALA C 232 0.51 8.14 1.25
C ALA C 232 0.10 7.73 -0.16
N GLY C 233 -0.66 8.59 -0.82
CA GLY C 233 -1.00 8.40 -2.20
C GLY C 233 -2.48 8.08 -2.41
N ASN C 234 -2.85 7.97 -3.67
CA ASN C 234 -4.16 7.45 -4.06
C ASN C 234 -4.08 5.93 -4.25
N ALA C 235 -5.24 5.28 -4.36
CA ALA C 235 -5.30 3.86 -4.68
C ALA C 235 -4.48 3.66 -5.94
N PRO C 236 -3.56 2.67 -5.94
CA PRO C 236 -2.76 2.48 -7.15
C PRO C 236 -3.60 1.82 -8.24
N VAL C 237 -3.69 2.49 -9.41
CA VAL C 237 -4.51 2.04 -10.52
C VAL C 237 -4.10 0.67 -10.99
N GLU C 238 -2.79 0.42 -11.07
CA GLU C 238 -2.30 -0.85 -11.58
C GLU C 238 -2.80 -2.00 -10.69
N ALA C 239 -2.89 -1.75 -9.39
CA ALA C 239 -3.44 -2.74 -8.47
C ALA C 239 -4.97 -2.82 -8.53
N LEU C 240 -5.63 -1.68 -8.74
CA LEU C 240 -7.09 -1.68 -8.91
C LEU C 240 -7.43 -2.57 -10.09
N ILE C 241 -6.68 -2.42 -11.19
CA ILE C 241 -6.91 -3.25 -12.37
C ILE C 241 -6.68 -4.73 -12.10
N GLY C 242 -5.56 -5.06 -11.46
CA GLY C 242 -5.30 -6.43 -11.09
C GLY C 242 -6.44 -7.03 -10.29
N VAL C 243 -6.90 -6.29 -9.29
CA VAL C 243 -7.94 -6.79 -8.38
C VAL C 243 -9.30 -6.86 -9.09
N PHE C 244 -9.60 -5.83 -9.87
CA PHE C 244 -10.86 -5.80 -10.63
C PHE C 244 -10.94 -6.93 -11.64
N ASP C 245 -9.82 -7.24 -12.30
CA ASP C 245 -9.74 -8.44 -13.14
C ASP C 245 -10.12 -9.71 -12.41
N LYS C 246 -9.66 -9.86 -11.17
CA LYS C 246 -9.90 -11.10 -10.44
C LYS C 246 -11.32 -11.18 -9.91
N ILE C 247 -11.95 -10.04 -9.66
CA ILE C 247 -13.30 -10.06 -9.10
C ILE C 247 -14.40 -9.82 -10.15
N GLY C 248 -14.00 -9.80 -11.41
CA GLY C 248 -14.94 -9.72 -12.52
C GLY C 248 -15.53 -8.34 -12.73
N VAL C 249 -14.76 -7.30 -12.40
CA VAL C 249 -15.15 -5.93 -12.69
C VAL C 249 -14.38 -5.42 -13.93
N LYS C 250 -15.11 -5.17 -15.00
CA LYS C 250 -14.52 -4.72 -16.27
C LYS C 250 -14.19 -3.23 -16.29
N THR C 251 -12.98 -2.88 -16.72
CA THR C 251 -12.54 -1.50 -16.76
C THR C 251 -12.08 -1.11 -18.16
N GLY C 252 -11.72 -2.11 -18.97
CA GLY C 252 -11.14 -1.87 -20.28
C GLY C 252 -9.66 -1.50 -20.23
N ILE C 253 -9.06 -1.56 -19.05
CA ILE C 253 -7.63 -1.29 -18.90
C ILE C 253 -6.85 -2.60 -18.85
N ASP C 254 -5.79 -2.71 -19.65
CA ASP C 254 -4.97 -3.92 -19.64
C ASP C 254 -3.98 -3.87 -18.47
N PHE C 255 -4.06 -4.88 -17.60
CA PHE C 255 -3.22 -4.97 -16.41
C PHE C 255 -1.73 -4.86 -16.70
N PHE C 256 -1.25 -5.61 -17.68
CA PHE C 256 0.17 -5.61 -17.99
C PHE C 256 0.63 -4.29 -18.59
N ASP C 257 -0.19 -3.70 -19.46
CA ASP C 257 0.11 -2.40 -20.04
C ASP C 257 0.15 -1.29 -18.99
N ILE C 258 -0.80 -1.29 -18.07
CA ILE C 258 -0.86 -0.23 -17.06
C ILE C 258 0.25 -0.43 -16.04
N ALA C 259 0.61 -1.67 -15.78
CA ALA C 259 1.74 -1.96 -14.89
C ALA C 259 3.05 -1.44 -15.49
N ASP C 260 3.22 -1.64 -16.80
CA ASP C 260 4.39 -1.14 -17.50
C ASP C 260 4.44 0.38 -17.47
N ALA C 261 3.28 1.01 -17.68
CA ALA C 261 3.18 2.46 -17.62
C ALA C 261 3.53 2.99 -16.25
N ALA C 262 3.01 2.34 -15.21
CA ALA C 262 3.26 2.76 -13.85
C ALA C 262 4.74 2.70 -13.52
N GLU C 263 5.37 1.62 -13.97
CA GLU C 263 6.76 1.35 -13.65
C GLU C 263 7.73 2.12 -14.53
N ASP C 264 7.46 2.18 -15.82
CA ASP C 264 8.44 2.72 -16.76
C ASP C 264 8.24 4.20 -17.07
N VAL C 265 7.02 4.68 -16.92
CA VAL C 265 6.70 6.03 -17.36
C VAL C 265 6.31 6.94 -16.19
N VAL C 266 5.45 6.45 -15.31
CA VAL C 266 4.97 7.28 -14.22
C VAL C 266 6.00 7.39 -13.09
N ARG C 267 6.50 6.25 -12.59
CA ARG C 267 7.51 6.26 -11.52
C ARG C 267 8.70 7.22 -11.71
N PRO C 268 9.33 7.23 -12.91
CA PRO C 268 10.50 8.12 -13.03
C PRO C 268 10.14 9.61 -12.89
N ALA C 269 8.86 9.95 -13.03
CA ALA C 269 8.42 11.32 -12.91
C ALA C 269 8.15 11.68 -11.46
N MET C 270 8.19 10.70 -10.58
CA MET C 270 7.91 10.94 -9.16
C MET C 270 9.21 11.29 -8.45
N PRO C 271 9.15 12.22 -7.48
CA PRO C 271 10.39 12.54 -6.76
C PRO C 271 10.84 11.38 -5.86
N ALA C 272 9.89 10.56 -5.43
CA ALA C 272 10.16 9.37 -4.62
C ALA C 272 8.86 8.61 -4.59
N GLU C 273 8.86 7.41 -4.00
CA GLU C 273 7.61 6.67 -3.87
C GLU C 273 6.68 7.43 -2.92
N CYS C 274 5.38 7.16 -3.00
CA CYS C 274 4.46 7.62 -1.97
C CYS C 274 4.55 6.66 -0.79
N LEU C 275 4.81 7.20 0.39
CA LEU C 275 5.14 6.36 1.55
C LEU C 275 4.00 6.31 2.55
N LEU C 276 3.76 5.12 3.10
CA LEU C 276 2.91 5.02 4.28
C LEU C 276 3.82 5.22 5.49
N ASP C 277 4.24 6.46 5.70
CA ASP C 277 5.16 6.78 6.79
C ASP C 277 4.40 7.33 7.99
N ARG C 278 5.11 7.68 9.06
CA ARG C 278 4.47 8.18 10.27
C ARG C 278 3.55 9.35 9.99
N ASN C 279 3.98 10.26 9.12
CA ASN C 279 3.21 11.47 8.90
C ASN C 279 1.88 11.11 8.23
N ALA C 280 1.95 10.29 7.19
CA ALA C 280 0.76 9.88 6.47
C ALA C 280 -0.19 9.11 7.40
N LEU C 281 0.37 8.20 8.18
CA LEU C 281 -0.45 7.42 9.09
C LEU C 281 -1.18 8.30 10.08
N ILE C 282 -0.48 9.30 10.60
CA ILE C 282 -1.11 10.25 11.51
C ILE C 282 -2.29 10.96 10.86
N MET C 283 -2.10 11.43 9.62
CA MET C 283 -3.18 12.06 8.88
C MET C 283 -4.38 11.14 8.74
N GLY C 284 -4.14 9.86 8.43
CA GLY C 284 -5.23 8.92 8.24
C GLY C 284 -5.95 8.62 9.53
N TYR C 285 -5.17 8.59 10.61
CA TYR C 285 -5.71 8.32 11.94
C TYR C 285 -6.44 9.55 12.48
N SER C 286 -5.99 10.74 12.09
CA SER C 286 -6.50 11.98 12.66
C SER C 286 -7.53 12.67 11.77
N GLY C 287 -7.72 12.17 10.56
CA GLY C 287 -8.68 12.77 9.65
C GLY C 287 -8.16 14.04 9.02
N VAL C 288 -6.88 14.06 8.68
CA VAL C 288 -6.27 15.25 8.13
C VAL C 288 -6.22 15.21 6.61
N TYR C 289 -6.69 16.29 5.98
CA TYR C 289 -6.67 16.46 4.53
C TYR C 289 -5.29 16.13 3.93
N SER C 290 -5.24 15.17 3.01
CA SER C 290 -3.96 14.59 2.55
C SER C 290 -2.96 15.57 1.96
N SER C 291 -3.45 16.55 1.22
CA SER C 291 -2.54 17.50 0.61
C SER C 291 -1.78 18.37 1.65
N PHE C 292 -2.15 18.26 2.93
CA PHE C 292 -1.42 19.00 3.98
C PHE C 292 0.01 18.47 4.19
N LEU C 293 0.26 17.24 3.75
CA LEU C 293 1.49 16.52 4.11
C LEU C 293 2.79 17.26 3.83
N LYS C 294 3.03 17.60 2.58
CA LYS C 294 4.31 18.22 2.24
C LYS C 294 4.38 19.68 2.70
N HIS C 295 3.23 20.29 2.96
CA HIS C 295 3.20 21.65 3.51
C HIS C 295 3.57 21.58 5.00
N ALA C 296 3.07 20.57 5.70
CA ALA C 296 3.49 20.36 7.09
C ALA C 296 4.98 20.11 7.21
N VAL C 297 5.53 19.30 6.30
CA VAL C 297 6.97 19.03 6.32
C VAL C 297 7.75 20.32 6.08
N ARG C 298 7.27 21.12 5.13
CA ARG C 298 7.87 22.42 4.87
C ARG C 298 7.83 23.36 6.10
N GLN C 299 6.69 23.48 6.76
CA GLN C 299 6.60 24.38 7.91
C GLN C 299 7.47 23.85 9.07
N ALA C 300 7.60 22.54 9.15
CA ALA C 300 8.42 21.89 10.16
C ALA C 300 9.88 22.30 9.99
N GLU C 301 10.35 22.31 8.76
CA GLU C 301 11.70 22.77 8.47
C GLU C 301 11.86 24.26 8.78
N ARG C 302 10.85 25.04 8.40
CA ARG C 302 10.92 26.50 8.52
C ARG C 302 10.97 26.95 9.98
N TYR C 303 10.28 26.23 10.85
CA TYR C 303 10.12 26.67 12.23
C TYR C 303 10.75 25.74 13.27
N GLY C 304 11.31 24.61 12.82
CA GLY C 304 11.99 23.70 13.73
C GLY C 304 11.05 23.02 14.71
N VAL C 305 9.90 22.56 14.21
CA VAL C 305 8.93 21.83 15.03
C VAL C 305 8.66 20.52 14.29
N PRO C 306 8.13 19.50 14.99
CA PRO C 306 7.99 18.23 14.24
C PRO C 306 6.73 18.22 13.36
N ALA C 307 6.89 17.77 12.12
CA ALA C 307 5.78 17.72 11.17
C ALA C 307 4.62 16.86 11.70
N SER C 308 4.96 15.79 12.41
CA SER C 308 3.93 14.95 13.03
C SER C 308 3.04 15.74 13.98
N ALA C 309 3.63 16.70 14.68
CA ALA C 309 2.90 17.52 15.63
C ALA C 309 2.00 18.51 14.92
N LEU C 310 2.51 19.10 13.83
CA LEU C 310 1.71 20.00 13.04
C LEU C 310 0.46 19.27 12.56
N LEU C 311 0.66 18.03 12.11
CA LEU C 311 -0.41 17.28 11.49
C LEU C 311 -1.44 16.85 12.51
N HIS C 312 -0.97 16.37 13.66
CA HIS C 312 -1.90 16.03 14.72
C HIS C 312 -2.77 17.22 15.11
N ARG C 313 -2.16 18.40 15.23
CA ARG C 313 -2.90 19.58 15.67
C ARG C 313 -3.85 20.10 14.59
N ALA C 314 -3.47 19.94 13.32
CA ALA C 314 -4.37 20.26 12.22
C ALA C 314 -5.65 19.47 12.39
N GLY C 315 -5.52 18.20 12.79
CA GLY C 315 -6.67 17.34 13.03
C GLY C 315 -7.55 17.88 14.15
N GLN C 316 -6.90 18.21 15.27
CA GLN C 316 -7.62 18.75 16.43
C GLN C 316 -8.30 20.07 16.13
N ARG C 317 -7.71 20.87 15.23
CA ARG C 317 -8.30 22.15 14.86
C ARG C 317 -9.44 22.00 13.87
N LYS C 318 -9.62 20.78 13.36
CA LYS C 318 -10.67 20.48 12.38
C LYS C 318 -10.48 21.28 11.09
N LEU C 319 -9.24 21.43 10.67
CA LEU C 319 -8.97 22.10 9.39
C LEU C 319 -9.50 21.25 8.24
N ILE C 320 -9.86 21.90 7.14
CA ILE C 320 -10.38 21.18 6.00
C ILE C 320 -9.57 21.56 4.76
N GLY C 321 -9.93 20.99 3.62
CA GLY C 321 -9.26 21.28 2.37
C GLY C 321 -9.10 22.76 2.12
N GLY C 322 -7.92 23.15 1.66
CA GLY C 322 -7.65 24.53 1.34
C GLY C 322 -7.02 25.34 2.45
N GLN C 323 -6.95 24.78 3.65
CA GLN C 323 -6.47 25.54 4.83
C GLN C 323 -5.00 25.31 5.22
N GLU C 324 -4.15 25.01 4.24
CA GLU C 324 -2.73 24.80 4.51
C GLU C 324 -2.09 25.98 5.26
N ASP C 325 -2.63 27.19 5.07
CA ASP C 325 -2.07 28.38 5.72
C ASP C 325 -2.04 28.26 7.23
N GLN C 326 -3.05 27.60 7.78
CA GLN C 326 -3.15 27.41 9.23
C GLN C 326 -2.01 26.56 9.82
N LEU C 327 -1.30 25.81 8.98
CA LEU C 327 -0.15 25.03 9.44
C LEU C 327 0.96 25.94 9.93
N ILE C 328 1.09 27.11 9.32
CA ILE C 328 2.05 28.09 9.79
C ILE C 328 1.63 28.55 11.17
N ASP C 329 0.35 28.88 11.33
CA ASP C 329 -0.15 29.36 12.62
C ASP C 329 0.03 28.28 13.69
N ILE C 330 -0.20 27.03 13.33
CA ILE C 330 0.07 25.92 14.23
C ILE C 330 1.56 25.79 14.59
N ALA C 331 2.44 26.00 13.62
CA ALA C 331 3.88 25.92 13.91
C ALA C 331 4.27 26.99 14.93
N LEU C 332 3.78 28.20 14.73
CA LEU C 332 4.13 29.30 15.63
C LEU C 332 3.54 29.11 17.02
N GLU C 333 2.38 28.49 17.07
CA GLU C 333 1.73 28.16 18.33
C GLU C 333 2.61 27.20 19.10
N ILE C 334 3.17 26.22 18.41
CA ILE C 334 4.10 25.29 19.05
C ILE C 334 5.35 26.01 19.54
N LYS C 335 5.93 26.86 18.69
CA LYS C 335 7.10 27.64 19.13
C LYS C 335 6.79 28.51 20.34
N ARG C 336 5.58 29.08 20.38
CA ARG C 336 5.18 29.94 21.48
C ARG C 336 5.02 29.14 22.77
N GLU C 337 4.43 27.96 22.67
CA GLU C 337 4.23 27.11 23.86
C GLU C 337 5.55 26.58 24.36
N LEU C 338 6.50 26.36 23.46
CA LEU C 338 7.81 25.86 23.88
C LEU C 338 8.56 26.93 24.65
N ASP C 339 8.55 28.17 24.17
CA ASP C 339 9.16 29.28 24.91
C ASP C 339 8.46 29.49 26.24
N SER C 340 7.13 29.54 26.22
CA SER C 340 6.40 30.00 27.40
C SER C 340 6.37 28.93 28.47
N GLY C 341 6.45 27.67 28.04
CA GLY C 341 6.30 26.55 28.95
C GLY C 341 4.86 26.23 29.31
N ALA C 342 3.90 26.73 28.53
CA ALA C 342 2.49 26.53 28.83
C ALA C 342 2.05 25.08 28.65
N SER D 6 -23.32 68.80 16.03
CA SER D 6 -24.55 68.27 15.45
C SER D 6 -24.28 67.00 14.64
N LYS D 7 -24.95 65.92 15.02
CA LYS D 7 -24.78 64.64 14.32
C LYS D 7 -25.44 64.66 12.95
N ALA D 8 -24.75 64.12 11.95
CA ALA D 8 -25.33 63.98 10.61
C ALA D 8 -26.48 62.98 10.66
N LYS D 9 -27.60 63.32 10.05
CA LYS D 9 -28.77 62.45 10.06
C LYS D 9 -28.73 61.48 8.89
N VAL D 10 -28.77 60.19 9.20
CA VAL D 10 -28.56 59.16 8.18
C VAL D 10 -29.74 58.22 8.06
N ALA D 11 -29.94 57.69 6.86
CA ALA D 11 -30.96 56.69 6.61
C ALA D 11 -30.31 55.34 6.29
N ILE D 12 -31.01 54.28 6.66
CA ILE D 12 -30.59 52.92 6.35
C ILE D 12 -31.62 52.30 5.43
N VAL D 13 -31.20 51.91 4.22
CA VAL D 13 -32.10 51.21 3.33
C VAL D 13 -31.79 49.72 3.34
N GLY D 14 -32.79 48.92 3.70
CA GLY D 14 -32.59 47.51 4.00
C GLY D 14 -33.02 47.25 5.43
N SER D 15 -33.50 46.05 5.71
CA SER D 15 -33.99 45.75 7.05
C SER D 15 -33.58 44.36 7.54
N GLY D 16 -32.59 43.77 6.88
CA GLY D 16 -32.06 42.48 7.29
C GLY D 16 -30.95 42.56 8.34
N ASN D 17 -30.24 41.46 8.52
CA ASN D 17 -29.19 41.34 9.53
C ASN D 17 -28.13 42.43 9.47
N ILE D 18 -27.58 42.65 8.29
CA ILE D 18 -26.60 43.70 8.04
C ILE D 18 -27.13 45.07 8.47
N SER D 19 -28.31 45.42 7.95
CA SER D 19 -28.93 46.71 8.27
C SER D 19 -29.16 46.86 9.76
N THR D 20 -29.64 45.81 10.42
CA THR D 20 -29.92 45.86 11.84
C THR D 20 -28.63 46.03 12.66
N ASP D 21 -27.60 45.27 12.28
CA ASP D 21 -26.31 45.42 12.95
C ASP D 21 -25.77 46.82 12.76
N LEU D 22 -25.85 47.32 11.52
CA LEU D 22 -25.44 48.67 11.21
C LEU D 22 -26.21 49.71 12.04
N LEU D 23 -27.52 49.50 12.22
CA LEU D 23 -28.33 50.38 13.04
C LEU D 23 -27.73 50.53 14.44
N TYR D 24 -27.37 49.40 15.04
CA TYR D 24 -26.80 49.41 16.38
C TYR D 24 -25.47 50.16 16.47
N LYS D 25 -24.61 49.98 15.47
CA LYS D 25 -23.35 50.70 15.43
C LYS D 25 -23.56 52.21 15.30
N LEU D 26 -24.49 52.59 14.42
CA LEU D 26 -24.81 53.99 14.17
C LEU D 26 -25.38 54.71 15.40
N LEU D 27 -26.15 54.00 16.21
CA LEU D 27 -26.69 54.57 17.44
C LEU D 27 -25.57 54.95 18.41
N ARG D 28 -24.48 54.18 18.36
CA ARG D 28 -23.30 54.41 19.20
C ARG D 28 -22.43 55.55 18.65
N SER D 29 -22.71 56.00 17.44
CA SER D 29 -21.80 56.91 16.74
C SER D 29 -21.76 58.31 17.34
N GLU D 30 -20.58 58.90 17.36
CA GLU D 30 -20.43 60.28 17.84
C GLU D 30 -20.83 61.28 16.76
N TRP D 31 -20.81 60.84 15.50
CA TRP D 31 -20.96 61.76 14.38
C TRP D 31 -22.24 61.53 13.57
N LEU D 32 -22.88 60.38 13.77
CA LEU D 32 -24.01 59.99 12.95
C LEU D 32 -25.25 59.69 13.80
N GLU D 33 -26.41 60.02 13.26
CA GLU D 33 -27.67 59.75 13.92
C GLU D 33 -28.63 59.06 12.96
N PRO D 34 -28.84 57.74 13.16
CA PRO D 34 -29.81 57.01 12.34
C PRO D 34 -31.23 57.51 12.64
N ARG D 35 -31.98 57.83 11.59
CA ARG D 35 -33.31 58.39 11.77
C ARG D 35 -34.37 57.62 10.96
N TRP D 36 -33.95 57.02 9.85
CA TRP D 36 -34.86 56.29 8.98
C TRP D 36 -34.37 54.87 8.70
N MET D 37 -35.27 53.89 8.78
CA MET D 37 -34.99 52.58 8.20
C MET D 37 -36.01 52.26 7.12
N VAL D 38 -35.51 52.07 5.91
CA VAL D 38 -36.39 51.89 4.75
C VAL D 38 -36.41 50.45 4.27
N GLY D 39 -37.61 49.85 4.27
CA GLY D 39 -37.79 48.49 3.81
C GLY D 39 -38.89 48.36 2.77
N ILE D 40 -39.30 47.13 2.50
CA ILE D 40 -40.35 46.85 1.52
C ILE D 40 -41.32 45.81 2.09
N ASP D 41 -40.82 44.98 3.00
CA ASP D 41 -41.64 43.97 3.67
C ASP D 41 -42.19 44.51 4.99
N PRO D 42 -43.53 44.72 5.05
CA PRO D 42 -44.18 45.22 6.27
C PRO D 42 -44.05 44.24 7.43
N GLU D 43 -43.71 42.99 7.11
CA GLU D 43 -43.57 41.94 8.11
C GLU D 43 -42.20 41.98 8.76
N SER D 44 -41.26 42.68 8.12
CA SER D 44 -39.84 42.67 8.51
C SER D 44 -39.57 42.95 9.98
N ASP D 45 -38.91 42.00 10.63
CA ASP D 45 -38.47 42.16 12.00
C ASP D 45 -37.53 43.34 12.13
N GLY D 46 -36.73 43.57 11.10
CA GLY D 46 -35.81 44.69 11.07
C GLY D 46 -36.50 46.04 11.24
N LEU D 47 -37.61 46.22 10.54
CA LEU D 47 -38.38 47.47 10.63
C LEU D 47 -38.98 47.65 12.01
N ALA D 48 -39.35 46.54 12.64
CA ALA D 48 -39.95 46.56 13.97
C ALA D 48 -38.94 47.08 15.00
N ARG D 49 -37.72 46.58 14.90
CA ARG D 49 -36.63 46.96 15.80
C ARG D 49 -36.31 48.44 15.69
N ALA D 50 -36.27 48.94 14.45
CA ALA D 50 -35.93 50.33 14.19
C ALA D 50 -36.99 51.27 14.76
N ALA D 51 -38.25 50.84 14.68
CA ALA D 51 -39.37 51.63 15.22
C ALA D 51 -39.22 51.81 16.72
N LYS D 52 -38.98 50.70 17.42
CA LYS D 52 -38.82 50.71 18.86
C LYS D 52 -37.74 51.68 19.33
N LEU D 53 -36.70 51.84 18.52
CA LEU D 53 -35.55 52.66 18.90
C LEU D 53 -35.67 54.14 18.51
N GLY D 54 -36.81 54.52 17.94
CA GLY D 54 -37.09 55.91 17.66
C GLY D 54 -37.01 56.31 16.20
N LEU D 55 -36.60 55.39 15.34
CA LEU D 55 -36.49 55.70 13.93
C LEU D 55 -37.85 55.74 13.26
N GLU D 56 -37.96 56.50 12.19
CA GLU D 56 -39.14 56.48 11.34
C GLU D 56 -38.94 55.37 10.31
N THR D 57 -39.91 54.46 10.22
CA THR D 57 -39.76 53.31 9.34
C THR D 57 -40.79 53.31 8.22
N THR D 58 -40.51 52.53 7.17
CA THR D 58 -41.43 52.43 6.05
C THR D 58 -41.26 51.11 5.30
N HIS D 59 -42.27 50.75 4.52
CA HIS D 59 -42.28 49.53 3.74
C HIS D 59 -42.61 49.83 2.28
N GLU D 60 -42.59 51.12 1.93
CA GLU D 60 -42.85 51.55 0.56
C GLU D 60 -41.57 51.78 -0.23
N GLY D 61 -40.45 51.36 0.35
CA GLY D 61 -39.18 51.43 -0.34
C GLY D 61 -38.57 52.82 -0.45
N VAL D 62 -37.60 52.94 -1.35
CA VAL D 62 -36.75 54.12 -1.42
C VAL D 62 -37.49 55.36 -1.92
N ASP D 63 -38.57 55.16 -2.68
CA ASP D 63 -39.37 56.29 -3.18
C ASP D 63 -39.99 57.07 -2.03
N TRP D 64 -40.43 56.35 -1.00
CA TRP D 64 -40.95 56.97 0.21
C TRP D 64 -39.90 57.88 0.84
N LEU D 65 -38.67 57.39 0.92
CA LEU D 65 -37.57 58.13 1.54
C LEU D 65 -37.24 59.40 0.76
N LEU D 66 -37.25 59.30 -0.56
CA LEU D 66 -36.87 60.42 -1.41
C LEU D 66 -37.96 61.47 -1.52
N ALA D 67 -39.10 61.18 -0.89
CA ALA D 67 -40.21 62.13 -0.88
C ALA D 67 -40.43 62.67 0.53
N GLN D 68 -39.34 62.77 1.29
CA GLN D 68 -39.41 63.30 2.65
C GLN D 68 -38.90 64.73 2.69
N PRO D 69 -39.54 65.58 3.51
CA PRO D 69 -39.15 66.99 3.57
C PRO D 69 -37.74 67.18 4.12
N ASP D 70 -37.41 66.42 5.16
CA ASP D 70 -36.09 66.49 5.76
C ASP D 70 -35.19 65.37 5.22
N LYS D 71 -34.47 65.66 4.14
CA LYS D 71 -33.64 64.68 3.47
C LYS D 71 -32.47 64.21 4.33
N PRO D 72 -32.10 62.93 4.20
CA PRO D 72 -30.93 62.40 4.92
C PRO D 72 -29.66 63.09 4.43
N ASP D 73 -28.67 63.20 5.31
CA ASP D 73 -27.35 63.68 4.93
C ASP D 73 -26.56 62.54 4.30
N LEU D 74 -26.83 61.32 4.77
CA LEU D 74 -26.15 60.13 4.32
C LEU D 74 -27.13 58.98 4.23
N VAL D 75 -26.96 58.12 3.24
CA VAL D 75 -27.76 56.90 3.16
C VAL D 75 -26.88 55.66 3.08
N PHE D 76 -27.12 54.70 3.98
CA PHE D 76 -26.44 53.40 3.95
C PHE D 76 -27.38 52.38 3.33
N GLU D 77 -26.94 51.68 2.30
CA GLU D 77 -27.81 50.69 1.68
C GLU D 77 -27.27 49.26 1.74
N ALA D 78 -28.06 48.37 2.33
CA ALA D 78 -27.74 46.94 2.39
C ALA D 78 -28.93 46.13 1.88
N THR D 79 -29.15 46.19 0.57
CA THR D 79 -30.27 45.51 -0.05
C THR D 79 -29.76 44.40 -0.98
N SER D 80 -29.59 44.74 -2.25
CA SER D 80 -28.95 43.85 -3.20
C SER D 80 -28.32 44.73 -4.29
N ALA D 81 -27.48 44.15 -5.13
CA ALA D 81 -26.89 44.93 -6.23
C ALA D 81 -27.94 45.53 -7.15
N TYR D 82 -28.95 44.75 -7.50
CA TYR D 82 -30.02 45.21 -8.39
C TYR D 82 -30.80 46.35 -7.76
N VAL D 83 -31.12 46.21 -6.47
CA VAL D 83 -31.89 47.23 -5.78
C VAL D 83 -31.11 48.53 -5.65
N HIS D 84 -29.88 48.46 -5.15
CA HIS D 84 -29.09 49.68 -4.98
C HIS D 84 -28.78 50.37 -6.32
N ARG D 85 -28.46 49.58 -7.33
CA ARG D 85 -28.21 50.11 -8.66
C ARG D 85 -29.41 50.91 -9.21
N ASP D 86 -30.62 50.52 -8.82
CA ASP D 86 -31.81 51.27 -9.23
C ASP D 86 -31.93 52.56 -8.42
N ALA D 87 -31.64 52.46 -7.13
CA ALA D 87 -31.76 53.58 -6.19
C ALA D 87 -30.65 54.62 -6.34
N ALA D 88 -29.44 54.18 -6.66
CA ALA D 88 -28.28 55.06 -6.74
C ALA D 88 -28.47 56.36 -7.55
N PRO D 89 -29.00 56.27 -8.78
CA PRO D 89 -29.25 57.52 -9.53
C PRO D 89 -30.23 58.45 -8.82
N LYS D 90 -31.16 57.88 -8.05
CA LYS D 90 -32.14 58.68 -7.34
C LYS D 90 -31.52 59.41 -6.16
N TYR D 91 -30.52 58.79 -5.53
CA TYR D 91 -29.80 59.42 -4.43
C TYR D 91 -29.02 60.63 -4.94
N ALA D 92 -28.30 60.44 -6.04
CA ALA D 92 -27.45 61.47 -6.61
C ALA D 92 -28.24 62.71 -7.06
N GLU D 93 -29.37 62.48 -7.72
CA GLU D 93 -30.24 63.58 -8.15
C GLU D 93 -30.77 64.33 -6.94
N ALA D 94 -31.12 63.58 -5.90
CA ALA D 94 -31.65 64.16 -4.68
C ALA D 94 -30.55 64.76 -3.80
N GLY D 95 -29.30 64.58 -4.22
CA GLY D 95 -28.16 65.14 -3.50
C GLY D 95 -27.89 64.47 -2.15
N ILE D 96 -28.16 63.18 -2.08
CA ILE D 96 -27.91 62.42 -0.86
C ILE D 96 -26.72 61.49 -1.07
N ARG D 97 -25.67 61.71 -0.29
CA ARG D 97 -24.48 60.86 -0.34
C ARG D 97 -24.83 59.43 0.05
N ALA D 98 -24.31 58.47 -0.72
CA ALA D 98 -24.65 57.07 -0.52
C ALA D 98 -23.44 56.23 -0.17
N ILE D 99 -23.63 55.31 0.77
CA ILE D 99 -22.63 54.31 1.10
C ILE D 99 -23.22 52.94 0.85
N ASP D 100 -22.64 52.23 -0.11
CA ASP D 100 -23.23 51.00 -0.64
C ASP D 100 -22.55 49.78 -0.05
N LEU D 101 -23.31 48.98 0.71
CA LEU D 101 -22.81 47.74 1.28
C LEU D 101 -23.16 46.52 0.42
N THR D 102 -23.69 46.75 -0.77
CA THR D 102 -24.04 45.66 -1.70
C THR D 102 -22.93 45.49 -2.73
N PRO D 103 -23.00 44.45 -3.58
CA PRO D 103 -21.99 44.34 -4.64
C PRO D 103 -22.23 45.28 -5.82
N ALA D 104 -23.17 46.22 -5.71
CA ALA D 104 -23.52 47.09 -6.84
C ALA D 104 -22.31 47.83 -7.43
N ALA D 105 -21.48 48.40 -6.55
CA ALA D 105 -20.25 49.07 -6.96
C ALA D 105 -20.44 50.09 -8.09
N VAL D 106 -21.42 50.97 -7.95
CA VAL D 106 -21.59 52.02 -8.92
C VAL D 106 -20.60 53.14 -8.60
N GLY D 107 -20.13 53.17 -7.36
CA GLY D 107 -19.15 54.15 -6.92
C GLY D 107 -17.86 53.46 -6.50
N PRO D 108 -16.80 54.25 -6.29
CA PRO D 108 -15.48 53.74 -5.90
C PRO D 108 -15.52 52.91 -4.64
N ALA D 109 -14.79 51.80 -4.64
CA ALA D 109 -14.66 50.99 -3.45
C ALA D 109 -13.65 51.66 -2.50
N VAL D 110 -13.94 51.63 -1.20
CA VAL D 110 -13.09 52.29 -0.22
C VAL D 110 -12.75 51.39 0.97
N ILE D 111 -11.47 51.43 1.32
CA ILE D 111 -10.91 50.75 2.49
C ILE D 111 -10.30 51.87 3.32
N PRO D 112 -10.82 52.09 4.54
CA PRO D 112 -10.44 53.29 5.31
C PRO D 112 -8.93 53.57 5.44
N PRO D 113 -8.10 52.59 5.85
CA PRO D 113 -6.70 53.01 5.99
C PRO D 113 -5.98 53.17 4.65
N ALA D 114 -6.61 52.79 3.54
CA ALA D 114 -5.90 52.78 2.25
C ALA D 114 -6.26 53.92 1.29
N ASN D 115 -7.55 54.11 1.02
CA ASN D 115 -7.95 55.07 0.01
C ASN D 115 -9.18 55.91 0.38
N LEU D 116 -9.64 55.82 1.62
CA LEU D 116 -10.82 56.56 2.04
C LEU D 116 -10.67 58.07 1.84
N ARG D 117 -9.46 58.58 2.09
CA ARG D 117 -9.22 60.01 2.00
C ARG D 117 -9.42 60.52 0.57
N GLU D 118 -9.07 59.69 -0.39
CA GLU D 118 -9.18 60.04 -1.81
C GLU D 118 -10.64 60.23 -2.23
N HIS D 119 -11.57 59.64 -1.49
CA HIS D 119 -12.96 59.56 -1.93
C HIS D 119 -13.97 60.19 -0.97
N LEU D 120 -13.50 61.06 -0.09
CA LEU D 120 -14.38 61.72 0.88
C LEU D 120 -15.43 62.61 0.20
N ASP D 121 -15.16 63.03 -1.02
CA ASP D 121 -16.12 63.87 -1.75
C ASP D 121 -17.03 63.07 -2.69
N ALA D 122 -16.81 61.77 -2.76
CA ALA D 122 -17.61 60.92 -3.64
C ALA D 122 -19.07 60.90 -3.21
N PRO D 123 -19.99 61.00 -4.18
CA PRO D 123 -21.43 60.97 -3.88
C PRO D 123 -21.90 59.54 -3.57
N ASN D 124 -21.17 58.56 -4.08
CA ASN D 124 -21.50 57.17 -3.86
C ASN D 124 -20.22 56.37 -3.62
N VAL D 125 -20.13 55.69 -2.49
CA VAL D 125 -18.98 54.84 -2.21
C VAL D 125 -19.42 53.41 -1.90
N ASN D 126 -18.57 52.46 -2.28
CA ASN D 126 -18.86 51.03 -2.13
C ASN D 126 -17.92 50.39 -1.11
N MET D 127 -18.43 49.43 -0.33
CA MET D 127 -17.64 48.82 0.74
C MET D 127 -16.95 47.51 0.33
N ILE D 128 -16.86 47.28 -0.98
CA ILE D 128 -16.27 46.06 -1.54
C ILE D 128 -16.72 44.78 -0.80
N THR D 129 -15.79 43.94 -0.36
CA THR D 129 -16.13 42.70 0.33
C THR D 129 -15.56 42.64 1.73
N CYS D 130 -16.12 41.75 2.54
CA CYS D 130 -15.59 41.49 3.87
C CYS D 130 -14.12 41.05 3.84
N GLY D 131 -13.77 40.21 2.88
CA GLY D 131 -12.40 39.77 2.70
C GLY D 131 -11.51 40.94 2.35
N GLY D 132 -12.03 41.84 1.53
CA GLY D 132 -11.32 43.05 1.16
C GLY D 132 -11.08 43.97 2.35
N GLN D 133 -12.12 44.22 3.13
CA GLN D 133 -11.99 45.08 4.32
C GLN D 133 -10.98 44.52 5.34
N ALA D 134 -10.84 43.20 5.38
CA ALA D 134 -9.99 42.56 6.38
C ALA D 134 -8.55 42.45 5.91
N THR D 135 -8.35 42.35 4.59
CA THR D 135 -7.02 41.98 4.11
C THR D 135 -6.34 43.09 3.32
N ILE D 136 -7.11 43.87 2.60
CA ILE D 136 -6.51 44.96 1.83
C ILE D 136 -5.70 45.98 2.66
N PRO D 137 -6.09 46.23 3.95
CA PRO D 137 -5.20 47.12 4.72
C PRO D 137 -3.80 46.56 4.92
N ILE D 138 -3.68 45.24 5.00
CA ILE D 138 -2.37 44.60 5.19
C ILE D 138 -1.58 44.69 3.89
N VAL D 139 -2.24 44.42 2.77
CA VAL D 139 -1.56 44.52 1.49
C VAL D 139 -1.08 45.95 1.29
N TYR D 140 -1.93 46.90 1.62
CA TYR D 140 -1.58 48.32 1.52
C TYR D 140 -0.39 48.67 2.42
N ALA D 141 -0.37 48.09 3.62
CA ALA D 141 0.71 48.35 4.57
C ALA D 141 2.05 47.87 4.05
N VAL D 142 2.03 46.79 3.27
CA VAL D 142 3.26 46.27 2.70
C VAL D 142 3.66 47.09 1.47
N SER D 143 2.69 47.37 0.60
CA SER D 143 2.96 48.06 -0.67
C SER D 143 3.32 49.54 -0.51
N ARG D 144 2.99 50.14 0.63
CA ARG D 144 3.42 51.52 0.85
C ARG D 144 4.89 51.58 1.25
N ILE D 145 5.49 50.42 1.50
CA ILE D 145 6.90 50.33 1.87
C ILE D 145 7.74 49.79 0.72
N VAL D 146 7.30 48.70 0.11
CA VAL D 146 8.01 48.13 -1.02
C VAL D 146 7.07 47.79 -2.17
N GLU D 147 7.65 47.57 -3.35
CA GLU D 147 6.91 47.06 -4.49
C GLU D 147 6.40 45.67 -4.19
N VAL D 148 5.11 45.46 -4.40
CA VAL D 148 4.50 44.15 -4.20
C VAL D 148 3.94 43.64 -5.53
N PRO D 149 4.67 42.74 -6.20
CA PRO D 149 4.28 42.27 -7.54
C PRO D 149 3.05 41.37 -7.48
N TYR D 150 2.80 40.81 -6.30
CA TYR D 150 1.75 39.83 -6.18
C TYR D 150 1.37 39.69 -4.73
N ALA D 151 0.09 39.65 -4.44
CA ALA D 151 -0.39 39.41 -3.10
C ALA D 151 -1.61 38.50 -3.13
N GLU D 152 -1.75 37.70 -2.09
CA GLU D 152 -2.74 36.64 -2.10
C GLU D 152 -3.35 36.60 -0.72
N ILE D 153 -4.67 36.54 -0.67
CA ILE D 153 -5.37 36.54 0.60
C ILE D 153 -6.21 35.28 0.72
N VAL D 154 -6.28 34.72 1.91
CA VAL D 154 -7.06 33.52 2.10
C VAL D 154 -7.99 33.80 3.26
N ALA D 155 -9.30 33.80 2.98
CA ALA D 155 -10.26 34.04 4.03
C ALA D 155 -10.88 32.73 4.50
N SER D 156 -10.98 32.57 5.81
CA SER D 156 -11.61 31.39 6.39
C SER D 156 -12.76 31.86 7.23
N VAL D 157 -13.97 31.39 6.93
CA VAL D 157 -15.16 31.91 7.56
C VAL D 157 -16.03 30.75 8.00
N ALA D 158 -16.71 30.92 9.13
CA ALA D 158 -17.68 29.93 9.60
C ALA D 158 -18.76 29.74 8.54
N SER D 159 -19.06 28.49 8.21
CA SER D 159 -20.12 28.20 7.24
C SER D 159 -21.45 28.89 7.57
N VAL D 160 -21.85 28.85 8.84
CA VAL D 160 -23.12 29.42 9.26
C VAL D 160 -23.17 30.93 9.11
N SER D 161 -22.03 31.58 8.97
CA SER D 161 -22.00 33.03 8.83
C SER D 161 -21.84 33.42 7.36
N ALA D 162 -21.85 32.43 6.48
CA ALA D 162 -21.95 32.68 5.05
C ALA D 162 -23.39 32.46 4.58
N GLY D 163 -24.08 33.56 4.27
CA GLY D 163 -25.46 33.49 3.83
C GLY D 163 -25.56 33.11 2.36
N PRO D 164 -26.79 33.08 1.82
CA PRO D 164 -26.94 32.74 0.40
C PRO D 164 -26.28 33.74 -0.57
N GLY D 165 -25.89 34.92 -0.10
CA GLY D 165 -25.29 35.93 -0.95
C GLY D 165 -23.92 35.52 -1.48
N THR D 166 -22.93 35.45 -0.60
CA THR D 166 -21.59 34.96 -0.93
C THR D 166 -21.70 33.55 -1.53
N ARG D 167 -22.62 32.76 -1.00
CA ARG D 167 -22.77 31.37 -1.45
C ARG D 167 -23.17 31.27 -2.90
N ALA D 168 -24.12 32.10 -3.33
CA ALA D 168 -24.61 32.04 -4.70
C ALA D 168 -23.62 32.68 -5.66
N ASN D 169 -22.80 33.58 -5.14
CA ASN D 169 -21.86 34.33 -5.96
C ASN D 169 -20.43 34.19 -5.48
N ILE D 170 -20.00 32.97 -5.22
CA ILE D 170 -18.68 32.79 -4.59
C ILE D 170 -17.58 33.30 -5.51
N ASP D 171 -17.78 33.14 -6.82
CA ASP D 171 -16.80 33.65 -7.77
C ASP D 171 -16.60 35.15 -7.61
N GLU D 172 -17.70 35.88 -7.53
CA GLU D 172 -17.62 37.34 -7.45
C GLU D 172 -16.82 37.78 -6.24
N PHE D 173 -17.01 37.10 -5.11
CA PHE D 173 -16.18 37.34 -3.96
C PHE D 173 -14.70 37.19 -4.28
N THR D 174 -14.31 36.11 -4.95
CA THR D 174 -12.89 35.88 -5.19
C THR D 174 -12.36 36.89 -6.20
N LYS D 175 -13.12 37.14 -7.25
CA LYS D 175 -12.68 38.08 -8.27
C LYS D 175 -12.65 39.53 -7.75
N THR D 176 -13.70 39.94 -7.08
CA THR D 176 -13.79 41.33 -6.63
C THR D 176 -12.71 41.62 -5.58
N THR D 177 -12.52 40.69 -4.66
CA THR D 177 -11.52 40.85 -3.63
C THR D 177 -10.13 40.90 -4.24
N ALA D 178 -9.86 40.00 -5.19
CA ALA D 178 -8.57 39.99 -5.87
C ALA D 178 -8.35 41.32 -6.59
N ARG D 179 -9.42 41.87 -7.15
CA ARG D 179 -9.30 43.15 -7.85
C ARG D 179 -8.96 44.28 -6.87
N GLY D 180 -9.58 44.28 -5.70
CA GLY D 180 -9.31 45.31 -4.70
C GLY D 180 -7.89 45.22 -4.18
N VAL D 181 -7.40 43.99 -3.99
CA VAL D 181 -6.02 43.72 -3.62
C VAL D 181 -5.06 44.43 -4.58
N GLN D 182 -5.39 44.44 -5.86
CA GLN D 182 -4.57 45.16 -6.85
C GLN D 182 -4.79 46.66 -6.78
N THR D 183 -6.01 47.10 -7.03
CA THR D 183 -6.30 48.50 -7.22
C THR D 183 -6.15 49.30 -5.93
N ILE D 184 -6.55 48.72 -4.80
CA ILE D 184 -6.54 49.45 -3.55
C ILE D 184 -5.36 49.03 -2.70
N GLY D 185 -5.06 47.73 -2.74
CA GLY D 185 -3.93 47.19 -2.01
C GLY D 185 -2.59 47.60 -2.60
N GLY D 186 -2.56 47.89 -3.89
CA GLY D 186 -1.33 48.30 -4.54
C GLY D 186 -0.46 47.16 -5.04
N ALA D 187 -0.94 45.92 -4.94
CA ALA D 187 -0.21 44.79 -5.53
C ALA D 187 -0.41 44.77 -7.04
N ALA D 188 0.60 44.32 -7.79
CA ALA D 188 0.48 44.35 -9.25
C ALA D 188 -0.51 43.27 -9.73
N ARG D 189 -0.60 42.19 -8.98
CA ARG D 189 -1.54 41.12 -9.28
C ARG D 189 -2.12 40.66 -7.95
N GLY D 190 -3.41 40.36 -7.91
CA GLY D 190 -4.02 39.89 -6.68
C GLY D 190 -4.72 38.55 -6.86
N LYS D 191 -4.84 37.81 -5.78
CA LYS D 191 -5.56 36.55 -5.77
C LYS D 191 -6.31 36.45 -4.46
N ALA D 192 -7.49 35.85 -4.47
CA ALA D 192 -8.23 35.67 -3.22
C ALA D 192 -8.82 34.28 -3.16
N ILE D 193 -8.82 33.71 -1.97
CA ILE D 193 -9.36 32.39 -1.77
C ILE D 193 -10.30 32.47 -0.59
N ILE D 194 -11.41 31.75 -0.65
CA ILE D 194 -12.32 31.71 0.48
C ILE D 194 -12.64 30.28 0.86
N ILE D 195 -12.52 29.99 2.15
CA ILE D 195 -12.78 28.66 2.68
C ILE D 195 -13.89 28.75 3.69
N LEU D 196 -14.92 27.93 3.51
CA LEU D 196 -16.03 27.90 4.44
C LEU D 196 -15.86 26.64 5.29
N ASN D 197 -15.67 26.85 6.60
CA ASN D 197 -15.45 25.77 7.53
C ASN D 197 -16.65 25.61 8.44
N PRO D 198 -17.21 24.40 8.48
CA PRO D 198 -18.45 24.19 9.25
C PRO D 198 -18.21 23.80 10.71
N ALA D 199 -17.00 23.97 11.23
CA ALA D 199 -16.72 23.54 12.59
C ALA D 199 -17.69 24.15 13.60
N ASP D 200 -18.05 23.36 14.59
CA ASP D 200 -18.93 23.79 15.65
C ASP D 200 -18.13 23.68 16.94
N PRO D 201 -18.09 24.76 17.75
CA PRO D 201 -18.75 26.06 17.60
C PRO D 201 -18.19 26.82 16.41
N PRO D 202 -18.96 27.75 15.84
CA PRO D 202 -18.52 28.45 14.63
C PRO D 202 -17.22 29.19 14.86
N MET D 203 -16.31 29.10 13.90
CA MET D 203 -15.02 29.73 14.01
C MET D 203 -15.15 31.23 13.88
N ILE D 204 -14.30 31.95 14.58
CA ILE D 204 -14.10 33.38 14.35
C ILE D 204 -13.39 33.49 13.02
N MET D 205 -13.79 34.44 12.19
CA MET D 205 -13.19 34.60 10.87
C MET D 205 -11.69 34.85 11.01
N ARG D 206 -10.89 34.20 10.18
CA ARG D 206 -9.49 34.58 10.06
C ARG D 206 -9.04 34.72 8.61
N ASP D 207 -7.93 35.42 8.42
CA ASP D 207 -7.46 35.74 7.09
C ASP D 207 -5.95 35.65 7.09
N THR D 208 -5.40 35.03 6.04
CA THR D 208 -3.96 35.02 5.86
C THR D 208 -3.63 35.88 4.66
N ILE D 209 -2.62 36.73 4.78
CA ILE D 209 -2.24 37.60 3.67
C ILE D 209 -0.80 37.34 3.29
N PHE D 210 -0.57 36.92 2.05
CA PHE D 210 0.77 36.66 1.58
C PHE D 210 1.13 37.78 0.60
N CYS D 211 2.22 38.50 0.84
CA CYS D 211 2.68 39.49 -0.12
C CYS D 211 4.09 39.18 -0.63
N ALA D 212 4.25 39.11 -1.95
CA ALA D 212 5.57 39.02 -2.55
C ALA D 212 6.29 40.35 -2.38
N ILE D 213 7.57 40.28 -2.03
CA ILE D 213 8.35 41.49 -1.75
C ILE D 213 9.77 41.30 -2.29
N PRO D 214 10.53 42.39 -2.44
CA PRO D 214 11.91 42.21 -2.92
C PRO D 214 12.74 41.36 -1.98
N THR D 215 13.72 40.65 -2.52
CA THR D 215 14.56 39.78 -1.70
C THR D 215 15.41 40.59 -0.72
N ASP D 216 15.66 41.86 -1.03
CA ASP D 216 16.42 42.74 -0.13
C ASP D 216 15.52 43.71 0.64
N ALA D 217 14.24 43.39 0.74
CA ALA D 217 13.27 44.27 1.40
C ALA D 217 13.65 44.64 2.82
N ASP D 218 13.32 45.87 3.21
CA ASP D 218 13.51 46.32 4.58
C ASP D 218 12.41 45.69 5.41
N ARG D 219 12.73 44.54 6.01
CA ARG D 219 11.73 43.75 6.74
C ARG D 219 11.20 44.47 7.99
N GLU D 220 12.07 45.14 8.72
CA GLU D 220 11.65 45.83 9.92
C GLU D 220 10.66 46.95 9.59
N ALA D 221 10.90 47.66 8.49
CA ALA D 221 9.99 48.72 8.07
C ALA D 221 8.63 48.15 7.65
N ILE D 222 8.66 47.00 6.97
CA ILE D 222 7.43 46.32 6.56
C ILE D 222 6.64 45.89 7.77
N ALA D 223 7.31 45.22 8.71
CA ALA D 223 6.65 44.74 9.92
C ALA D 223 6.05 45.90 10.71
N ALA D 224 6.80 47.00 10.83
CA ALA D 224 6.33 48.19 11.54
C ALA D 224 5.09 48.78 10.86
N SER D 225 5.12 48.81 9.53
CA SER D 225 3.99 49.32 8.76
C SER D 225 2.73 48.48 8.97
N ILE D 226 2.89 47.16 8.94
CA ILE D 226 1.80 46.25 9.22
C ILE D 226 1.22 46.48 10.61
N HIS D 227 2.08 46.59 11.62
CA HIS D 227 1.61 46.87 12.97
C HIS D 227 0.82 48.19 13.03
N ASP D 228 1.28 49.18 12.27
CA ASP D 228 0.62 50.48 12.27
C ASP D 228 -0.77 50.38 11.64
N VAL D 229 -0.91 49.62 10.55
CA VAL D 229 -2.21 49.51 9.90
C VAL D 229 -3.19 48.71 10.74
N VAL D 230 -2.69 47.69 11.43
CA VAL D 230 -3.52 46.93 12.36
C VAL D 230 -4.08 47.80 13.49
N LYS D 231 -3.24 48.64 14.08
CA LYS D 231 -3.73 49.52 15.12
C LYS D 231 -4.78 50.46 14.53
N GLU D 232 -4.55 50.91 13.30
CA GLU D 232 -5.47 51.81 12.65
C GLU D 232 -6.84 51.13 12.43
N VAL D 233 -6.84 49.91 11.90
CA VAL D 233 -8.07 49.16 11.70
C VAL D 233 -8.78 48.93 13.04
N GLN D 234 -8.00 48.74 14.10
CA GLN D 234 -8.56 48.55 15.44
C GLN D 234 -9.35 49.74 15.97
N THR D 235 -9.10 50.94 15.46
CA THR D 235 -9.88 52.11 15.89
C THR D 235 -11.36 51.95 15.52
N TYR D 236 -11.65 51.14 14.50
CA TYR D 236 -13.05 50.95 14.10
C TYR D 236 -13.51 49.49 14.11
N VAL D 237 -12.57 48.56 14.24
CA VAL D 237 -12.89 47.14 14.43
C VAL D 237 -12.06 46.60 15.60
N PRO D 238 -12.56 46.77 16.84
CA PRO D 238 -11.76 46.43 18.02
C PRO D 238 -11.30 44.96 18.05
N GLY D 239 -12.09 44.08 17.44
CA GLY D 239 -11.80 42.65 17.42
C GLY D 239 -10.90 42.20 16.28
N TYR D 240 -10.36 43.15 15.55
CA TYR D 240 -9.40 42.83 14.49
C TYR D 240 -8.06 42.64 15.19
N ARG D 241 -7.48 41.44 15.09
CA ARG D 241 -6.27 41.14 15.85
C ARG D 241 -5.23 40.40 15.02
N LEU D 242 -3.97 40.79 15.24
CA LEU D 242 -2.83 40.12 14.62
C LEU D 242 -2.55 38.85 15.41
N LEU D 243 -2.51 37.71 14.73
CA LEU D 243 -2.31 36.43 15.40
C LEU D 243 -0.83 36.12 15.65
N ASN D 244 0.03 36.59 14.75
CA ASN D 244 1.48 36.40 14.94
C ASN D 244 2.22 37.63 14.42
N GLU D 245 3.51 37.72 14.67
CA GLU D 245 4.32 38.71 13.97
C GLU D 245 4.24 38.39 12.49
N PRO D 246 4.32 39.41 11.64
CA PRO D 246 4.49 39.14 10.20
C PRO D 246 5.71 38.24 9.99
N GLN D 247 5.52 37.21 9.17
CA GLN D 247 6.55 36.19 8.94
C GLN D 247 7.21 36.39 7.58
N PHE D 248 8.53 36.32 7.54
CA PHE D 248 9.26 36.55 6.30
C PHE D 248 9.87 35.27 5.75
N ASP D 249 9.86 35.14 4.42
CA ASP D 249 10.46 33.97 3.79
C ASP D 249 11.24 34.28 2.53
N GLU D 250 12.26 33.46 2.27
CA GLU D 250 13.15 33.61 1.13
C GLU D 250 12.51 32.90 -0.06
N PRO D 251 12.99 33.18 -1.29
CA PRO D 251 12.53 32.49 -2.49
C PRO D 251 12.63 30.98 -2.35
N SER D 252 11.61 30.27 -2.79
CA SER D 252 11.63 28.82 -2.78
C SER D 252 10.77 28.26 -3.91
N ILE D 253 10.77 26.94 -4.05
CA ILE D 253 9.90 26.24 -5.00
C ILE D 253 8.44 26.59 -4.72
N ASN D 254 8.02 26.43 -3.46
CA ASN D 254 6.66 26.77 -3.05
C ASN D 254 6.21 28.17 -3.47
N SER D 255 7.11 29.14 -3.36
CA SER D 255 6.77 30.55 -3.56
C SER D 255 7.07 30.99 -4.99
N GLY D 256 7.46 30.04 -5.83
CA GLY D 256 7.84 30.34 -7.21
C GLY D 256 9.00 31.31 -7.32
N GLY D 257 9.98 31.19 -6.43
CA GLY D 257 11.16 32.03 -6.50
C GLY D 257 10.95 33.43 -5.94
N GLN D 258 9.86 33.64 -5.21
CA GLN D 258 9.54 34.95 -4.66
C GLN D 258 9.82 35.03 -3.17
N ALA D 259 10.42 36.12 -2.72
CA ALA D 259 10.49 36.38 -1.30
C ALA D 259 9.11 36.89 -0.89
N LEU D 260 8.75 36.73 0.37
CA LEU D 260 7.41 37.13 0.79
C LEU D 260 7.30 37.44 2.27
N VAL D 261 6.19 38.07 2.64
CA VAL D 261 5.83 38.28 4.02
C VAL D 261 4.43 37.73 4.23
N THR D 262 4.22 37.04 5.34
CA THR D 262 2.93 36.43 5.62
C THR D 262 2.34 36.97 6.91
N THR D 263 1.11 37.44 6.83
CA THR D 263 0.40 38.04 7.96
C THR D 263 -0.89 37.30 8.27
N PHE D 264 -1.12 37.03 9.54
CA PHE D 264 -2.34 36.34 9.96
C PHE D 264 -3.16 37.29 10.82
N VAL D 265 -4.40 37.52 10.40
CA VAL D 265 -5.34 38.23 11.26
C VAL D 265 -6.54 37.36 11.64
N GLU D 266 -7.15 37.73 12.75
CA GLU D 266 -8.42 37.16 13.17
C GLU D 266 -9.36 38.35 13.32
N VAL D 267 -10.62 38.18 12.91
CA VAL D 267 -11.57 39.27 12.97
C VAL D 267 -12.77 38.88 13.83
N GLU D 268 -12.77 39.31 15.08
CA GLU D 268 -13.88 38.97 15.94
C GLU D 268 -14.91 40.09 15.86
N GLY D 269 -16.17 39.74 15.65
CA GLY D 269 -17.23 40.74 15.59
C GLY D 269 -17.52 41.39 16.93
N ALA D 270 -18.17 42.55 16.90
CA ALA D 270 -18.46 43.30 18.12
C ALA D 270 -19.63 42.72 18.91
N GLY D 271 -20.36 41.79 18.30
CA GLY D 271 -21.52 41.22 18.96
C GLY D 271 -22.66 42.22 19.20
N ASP D 272 -22.70 43.27 18.39
CA ASP D 272 -23.77 44.28 18.49
C ASP D 272 -25.13 43.66 18.24
N TYR D 273 -25.26 43.04 17.07
CA TYR D 273 -26.45 42.29 16.75
C TYR D 273 -26.03 40.94 16.16
N LEU D 274 -25.08 41.00 15.23
CA LEU D 274 -24.46 39.80 14.71
C LEU D 274 -23.64 39.17 15.83
N PRO D 275 -23.48 37.83 15.80
CA PRO D 275 -22.64 37.12 16.77
C PRO D 275 -21.15 37.39 16.52
N PRO D 276 -20.31 37.21 17.54
CA PRO D 276 -18.86 37.45 17.42
C PRO D 276 -18.21 36.66 16.29
N TYR D 277 -18.72 35.47 15.98
CA TYR D 277 -18.17 34.66 14.91
C TYR D 277 -18.62 35.11 13.52
N ALA D 278 -19.37 36.20 13.46
CA ALA D 278 -19.77 36.75 12.17
C ALA D 278 -18.94 37.99 11.86
N GLY D 279 -17.64 37.89 12.10
CA GLY D 279 -16.72 38.99 11.86
C GLY D 279 -16.70 39.39 10.40
N ASN D 280 -17.04 38.46 9.52
CA ASN D 280 -17.14 38.78 8.10
C ASN D 280 -18.27 39.77 7.82
N LEU D 281 -19.35 39.68 8.57
CA LEU D 281 -20.43 40.65 8.39
C LEU D 281 -20.18 41.89 9.25
N ASP D 282 -19.70 41.69 10.47
CA ASP D 282 -19.43 42.79 11.39
C ASP D 282 -18.46 43.80 10.79
N ILE D 283 -17.42 43.31 10.11
CA ILE D 283 -16.42 44.22 9.56
C ILE D 283 -17.00 45.10 8.45
N MET D 284 -17.98 44.58 7.72
CA MET D 284 -18.68 45.40 6.74
C MET D 284 -19.37 46.61 7.38
N THR D 285 -20.16 46.37 8.42
CA THR D 285 -20.91 47.43 9.07
C THR D 285 -20.00 48.36 9.90
N ALA D 286 -18.89 47.83 10.42
CA ALA D 286 -17.93 48.65 11.16
C ALA D 286 -17.20 49.57 10.20
N ALA D 287 -16.77 49.02 9.08
CA ALA D 287 -16.09 49.80 8.07
C ALA D 287 -17.02 50.87 7.47
N ALA D 288 -18.26 50.49 7.17
CA ALA D 288 -19.25 51.43 6.61
C ALA D 288 -19.47 52.61 7.55
N THR D 289 -19.62 52.31 8.84
CA THR D 289 -19.82 53.32 9.85
C THR D 289 -18.63 54.26 9.89
N LYS D 290 -17.44 53.69 9.80
CA LYS D 290 -16.19 54.46 9.81
C LYS D 290 -16.15 55.43 8.64
N VAL D 291 -16.47 54.91 7.46
CA VAL D 291 -16.47 55.71 6.24
C VAL D 291 -17.50 56.83 6.34
N GLY D 292 -18.65 56.52 6.92
CA GLY D 292 -19.70 57.51 7.10
C GLY D 292 -19.28 58.62 8.04
N GLU D 293 -18.66 58.24 9.15
CA GLU D 293 -18.20 59.20 10.13
C GLU D 293 -17.12 60.10 9.56
N GLU D 294 -16.22 59.53 8.75
CA GLU D 294 -15.15 60.33 8.16
C GLU D 294 -15.69 61.32 7.13
N ILE D 295 -16.65 60.87 6.33
CA ILE D 295 -17.32 61.76 5.38
C ILE D 295 -18.04 62.90 6.11
N ALA D 296 -18.75 62.57 7.19
CA ALA D 296 -19.44 63.56 7.98
C ALA D 296 -18.48 64.60 8.56
N LYS D 297 -17.32 64.15 9.01
CA LYS D 297 -16.32 65.06 9.57
C LYS D 297 -15.66 65.94 8.52
N GLU D 298 -15.44 65.38 7.34
CA GLU D 298 -14.72 66.08 6.28
C GLU D 298 -15.61 67.03 5.48
N THR D 299 -16.78 66.55 5.08
CA THR D 299 -17.60 67.29 4.13
C THR D 299 -18.93 67.78 4.72
N LEU D 300 -19.28 67.30 5.91
CA LEU D 300 -20.62 67.53 6.44
C LEU D 300 -20.68 68.22 7.80
N VAL D 301 -19.55 68.70 8.31
CA VAL D 301 -19.55 69.52 9.54
C VAL D 301 -18.67 70.76 9.40
C1 OXL E . 4.69 -17.26 3.36
C2 OXL E . 5.53 -17.19 4.58
O1 OXL E . 4.15 -16.21 2.93
O2 OXL E . 6.37 -16.26 4.72
O3 OXL E . 4.51 -18.34 2.74
O4 OXL E . 5.41 -18.06 5.48
MN MN F . 5.12 -14.41 4.06
C1 OXL G . -9.20 15.60 -3.47
C2 OXL G . -9.41 15.03 -2.11
O1 OXL G . -8.19 15.30 -4.16
O2 OXL G . -10.19 15.63 -1.33
O3 OXL G . -10.06 16.40 -3.92
O4 OXL G . -8.84 13.96 -1.77
NA NA H . -0.12 20.66 -2.46
MN MN I . -7.43 13.27 -3.20
#